data_7B60
#
_entry.id   7B60
#
_cell.length_a   58.249
_cell.length_b   58.382
_cell.length_c   74.027
_cell.angle_alpha   97.27
_cell.angle_beta   91.53
_cell.angle_gamma   105.61
#
_symmetry.space_group_name_H-M   'P 1'
#
loop_
_entity.id
_entity.type
_entity.pdbx_description
1 polymer 'UDP-N-acetylmuramoyl-L-alanyl-D-glutamate-2,6-diaminopimelate ligase'
2 non-polymer 4-[(furan-2-yl)methyl]-1lambda~6~,4-thiazinane-1,1-dione
3 non-polymer 'DIMETHYL SULFOXIDE'
4 non-polymer 'ISOPROPYL ALCOHOL'
5 water water
#
_entity_poly.entity_id   1
_entity_poly.type   'polypeptide(L)'
_entity_poly.pdbx_seq_one_letter_code
;SMADRNLRDLLAPWVPDAPSRALREMTLDSRVAAAGDLFVAVVGHQADGRRYIPQAIAQGVAAIIAEAKDEATDGEIREM
HGVPVIYLSQLNERLSALAGRFYHEPSDNLRLVGVTGTNGKTTTTQLLAQWSQLLGEISAVMGTVGNGLLGKVIPTENTT
GSAVDVQHELAGLVDQGATFCAMEVSSHGLVQHRVAALKFAASVFTNLSRDHLDYHGDMEHYEAAKWLLYSEHHCGQAII
NADDEVGRRWLAKLPDAVAVSMEDHINPNCHGRWLKATEVNYHDSGATIRFSSSWGDGEIESHLMGAFNVSNLLLALATL
LALGYPLADLLKTAARLQPVCGRMEVFTAPGKPTVVVDYAHTPDALEKALQAARLHCAGKLWCVFGCGGDRDKGKRPLMG
AIAEEFADVAVVTDDNPRTEEPRAIINDILAGMLDAGHAKVMEGRAEAVTCAVMQAKENDVVLVAGKGHEDYQIVGNQRL
DYSDRVTVARLLGVIA
;
_entity_poly.pdbx_strand_id   A,B
#
# COMPACT_ATOMS: atom_id res chain seq x y z
N ARG A 5 4.79 -23.95 0.97
CA ARG A 5 5.00 -23.70 2.44
C ARG A 5 6.01 -24.67 3.03
N ASN A 6 7.11 -24.12 3.55
CA ASN A 6 8.24 -24.88 4.06
C ASN A 6 8.68 -24.36 5.42
N LEU A 7 8.87 -25.27 6.38
CA LEU A 7 9.31 -24.94 7.74
C LEU A 7 10.58 -24.10 7.74
N ARG A 8 11.52 -24.46 6.87
CA ARG A 8 12.79 -23.75 6.72
C ARG A 8 12.57 -22.28 6.35
N ASP A 9 11.77 -22.04 5.32
CA ASP A 9 11.43 -20.68 4.87
C ASP A 9 10.57 -19.94 5.91
N LEU A 10 9.59 -20.65 6.49
CA LEU A 10 8.71 -20.10 7.52
C LEU A 10 9.52 -19.48 8.64
N LEU A 11 10.53 -20.20 9.15
CA LEU A 11 11.32 -19.80 10.31
C LEU A 11 12.60 -18.99 10.01
N ALA A 12 12.91 -18.79 8.73
CA ALA A 12 14.12 -18.09 8.30
C ALA A 12 14.40 -16.78 9.05
N PRO A 13 13.42 -15.88 9.24
CA PRO A 13 13.66 -14.64 9.98
C PRO A 13 14.08 -14.81 11.45
N TRP A 14 13.77 -15.97 12.05
CA TRP A 14 13.95 -16.21 13.48
C TRP A 14 14.91 -17.36 13.81
N VAL A 15 14.76 -18.48 13.11
CA VAL A 15 15.60 -19.66 13.29
C VAL A 15 16.31 -20.02 11.99
N PRO A 16 17.58 -19.62 11.80
CA PRO A 16 18.32 -19.99 10.59
C PRO A 16 18.65 -21.48 10.64
N ASP A 17 18.71 -22.12 9.45
CA ASP A 17 19.01 -23.54 9.31
C ASP A 17 18.03 -24.43 10.08
N ALA A 18 16.75 -24.09 10.01
CA ALA A 18 15.68 -24.96 10.47
C ALA A 18 15.52 -26.04 9.41
N PRO A 19 15.14 -27.29 9.78
CA PRO A 19 14.93 -28.34 8.79
C PRO A 19 13.96 -27.95 7.67
N SER A 20 14.13 -28.56 6.50
CA SER A 20 13.24 -28.37 5.36
C SER A 20 12.10 -29.41 5.41
N ARG A 21 10.87 -28.91 5.51
CA ARG A 21 9.67 -29.72 5.55
C ARG A 21 8.53 -29.01 4.83
N ALA A 22 7.87 -29.72 3.92
CA ALA A 22 6.63 -29.24 3.33
C ALA A 22 5.56 -29.26 4.41
N LEU A 23 4.77 -28.17 4.48
CA LEU A 23 3.74 -28.00 5.48
C LEU A 23 2.40 -27.77 4.79
N ARG A 24 1.35 -28.45 5.27
CA ARG A 24 -0.01 -28.28 4.77
C ARG A 24 -0.64 -27.06 5.44
N GLU A 25 -1.33 -27.28 6.57
CA GLU A 25 -1.99 -26.23 7.32
C GLU A 25 -1.25 -25.96 8.63
N MET A 26 -1.60 -24.85 9.26
CA MET A 26 -1.07 -24.44 10.55
C MET A 26 -2.23 -24.49 11.53
N THR A 27 -2.04 -25.23 12.64
CA THR A 27 -3.10 -25.43 13.62
C THR A 27 -2.57 -25.45 15.07
N LEU A 28 -3.37 -24.89 15.97
CA LEU A 28 -3.14 -24.91 17.42
C LEU A 28 -3.83 -26.09 18.08
N ASP A 29 -4.79 -26.70 17.38
CA ASP A 29 -5.63 -27.76 17.92
C ASP A 29 -5.15 -29.14 17.46
N SER A 30 -4.50 -29.86 18.38
CA SER A 30 -3.97 -31.21 18.12
C SER A 30 -5.04 -32.21 17.67
N ARG A 31 -6.30 -31.95 18.01
CA ARG A 31 -7.43 -32.79 17.60
C ARG A 31 -7.58 -32.86 16.08
N VAL A 32 -7.55 -31.68 15.42
CA VAL A 32 -7.70 -31.59 13.98
C VAL A 32 -6.37 -31.62 13.21
N ALA A 33 -5.26 -31.64 13.95
CA ALA A 33 -3.92 -31.66 13.37
C ALA A 33 -3.70 -32.94 12.56
N ALA A 34 -3.98 -32.85 11.25
CA ALA A 34 -3.84 -33.97 10.32
C ALA A 34 -2.38 -34.17 9.88
N ALA A 35 -2.16 -35.16 9.00
CA ALA A 35 -0.84 -35.44 8.45
C ALA A 35 -0.35 -34.28 7.58
N GLY A 36 0.96 -33.99 7.67
CA GLY A 36 1.60 -32.93 6.91
C GLY A 36 1.47 -31.52 7.50
N ASP A 37 0.62 -31.35 8.51
CA ASP A 37 0.37 -30.06 9.14
C ASP A 37 1.54 -29.57 10.01
N LEU A 38 1.49 -28.27 10.32
CA LEU A 38 2.35 -27.65 11.32
C LEU A 38 1.49 -27.47 12.56
N PHE A 39 1.84 -28.20 13.63
CA PHE A 39 1.16 -28.06 14.90
C PHE A 39 1.92 -27.03 15.73
N VAL A 40 1.17 -26.08 16.32
CA VAL A 40 1.75 -25.05 17.17
C VAL A 40 1.23 -25.22 18.59
N ALA A 41 2.15 -25.48 19.52
CA ALA A 41 1.84 -25.80 20.90
C ALA A 41 2.04 -24.57 21.77
N VAL A 42 0.94 -23.92 22.15
CA VAL A 42 0.99 -22.68 22.91
C VAL A 42 0.56 -22.88 24.36
N VAL A 43 1.18 -22.13 25.27
CA VAL A 43 0.80 -22.09 26.67
C VAL A 43 -0.24 -21.00 26.84
N GLY A 44 -1.42 -21.39 27.34
CA GLY A 44 -2.59 -20.55 27.36
C GLY A 44 -3.03 -20.26 28.77
N HIS A 45 -4.16 -19.55 28.89
CA HIS A 45 -4.76 -19.18 30.18
C HIS A 45 -4.81 -20.36 31.15
N GLN A 46 -5.46 -21.46 30.74
CA GLN A 46 -5.65 -22.65 31.57
C GLN A 46 -5.19 -23.96 30.89
N ALA A 47 -4.60 -23.84 29.69
CA ALA A 47 -4.18 -24.98 28.89
C ALA A 47 -2.72 -24.85 28.46
N ASP A 48 -2.04 -26.00 28.30
CA ASP A 48 -0.68 -26.07 27.75
C ASP A 48 -0.64 -27.03 26.57
N GLY A 49 -0.51 -26.47 25.36
CA GLY A 49 -0.49 -27.21 24.11
C GLY A 49 0.61 -28.24 23.97
N ARG A 50 1.72 -28.04 24.70
CA ARG A 50 2.86 -28.94 24.67
C ARG A 50 2.53 -30.34 25.20
N ARG A 51 1.48 -30.43 26.03
CA ARG A 51 0.93 -31.71 26.48
C ARG A 51 0.63 -32.61 25.30
N TYR A 52 0.03 -32.02 24.24
CA TYR A 52 -0.50 -32.76 23.10
C TYR A 52 0.50 -32.99 21.97
N ILE A 53 1.80 -32.83 22.26
CA ILE A 53 2.87 -33.02 21.27
C ILE A 53 2.95 -34.48 20.80
N PRO A 54 3.00 -35.48 21.71
CA PRO A 54 3.03 -36.89 21.27
C PRO A 54 1.82 -37.29 20.44
N GLN A 55 0.64 -36.76 20.79
CA GLN A 55 -0.60 -36.98 20.04
C GLN A 55 -0.51 -36.45 18.62
N ALA A 56 -0.07 -35.19 18.49
CA ALA A 56 0.12 -34.53 17.19
C ALA A 56 1.09 -35.30 16.31
N ILE A 57 2.24 -35.68 16.89
CA ILE A 57 3.24 -36.54 16.22
C ILE A 57 2.61 -37.86 15.76
N ALA A 58 1.75 -38.44 16.62
CA ALA A 58 1.06 -39.69 16.33
C ALA A 58 0.05 -39.57 15.17
N GLN A 59 -0.53 -38.37 15.00
CA GLN A 59 -1.42 -38.07 13.88
C GLN A 59 -0.66 -37.64 12.62
N GLY A 60 0.68 -37.60 12.69
CA GLY A 60 1.56 -37.45 11.55
C GLY A 60 1.84 -36.04 11.08
N VAL A 61 1.79 -35.08 12.01
CA VAL A 61 2.14 -33.69 11.69
C VAL A 61 3.57 -33.65 11.16
N ALA A 62 3.82 -32.75 10.20
CA ALA A 62 5.12 -32.60 9.55
C ALA A 62 6.16 -31.97 10.49
N ALA A 63 5.71 -31.06 11.36
CA ALA A 63 6.59 -30.33 12.27
C ALA A 63 5.79 -29.65 13.38
N ILE A 64 6.52 -29.19 14.41
CA ILE A 64 5.91 -28.56 15.57
C ILE A 64 6.72 -27.34 16.01
N ILE A 65 5.99 -26.26 16.33
CA ILE A 65 6.55 -25.07 16.95
C ILE A 65 5.92 -24.94 18.35
N ALA A 66 6.77 -24.86 19.38
CA ALA A 66 6.34 -24.95 20.77
C ALA A 66 6.92 -23.84 21.65
N GLU A 67 6.15 -23.42 22.66
CA GLU A 67 6.58 -22.42 23.65
C GLU A 67 7.84 -22.90 24.35
N ALA A 68 8.85 -22.04 24.40
CA ALA A 68 10.16 -22.37 24.95
C ALA A 68 10.22 -22.29 26.49
N LYS A 69 9.29 -21.51 27.08
CA LYS A 69 9.28 -21.23 28.51
C LYS A 69 9.51 -22.48 29.37
N ASP A 70 10.60 -22.45 30.15
CA ASP A 70 11.00 -23.51 31.10
C ASP A 70 11.56 -24.78 30.45
N GLU A 71 11.08 -25.10 29.24
CA GLU A 71 11.38 -26.36 28.57
C GLU A 71 12.54 -26.29 27.58
N ALA A 72 12.86 -25.08 27.11
CA ALA A 72 13.91 -24.89 26.11
C ALA A 72 14.34 -23.43 25.96
N THR A 73 15.42 -23.22 25.21
CA THR A 73 15.89 -21.89 24.81
C THR A 73 15.24 -21.49 23.49
N ASP A 74 15.29 -20.19 23.18
CA ASP A 74 14.66 -19.65 21.98
C ASP A 74 15.39 -20.12 20.73
N GLY A 75 14.62 -20.58 19.74
CA GLY A 75 15.16 -21.10 18.50
C GLY A 75 15.82 -22.48 18.63
N GLU A 76 15.54 -23.18 19.74
CA GLU A 76 16.07 -24.51 19.99
C GLU A 76 15.37 -25.53 19.10
N ILE A 77 16.16 -26.22 18.27
CA ILE A 77 15.68 -27.22 17.32
C ILE A 77 15.87 -28.60 17.95
N ARG A 78 14.75 -29.30 18.17
CA ARG A 78 14.76 -30.68 18.66
C ARG A 78 14.07 -31.59 17.65
N GLU A 79 14.08 -32.89 17.94
CA GLU A 79 13.71 -33.93 16.99
C GLU A 79 13.11 -35.14 17.72
N MET A 80 11.78 -35.28 17.66
CA MET A 80 11.04 -36.34 18.34
C MET A 80 10.29 -37.23 17.34
N HIS A 81 10.67 -38.52 17.29
CA HIS A 81 10.12 -39.52 16.38
C HIS A 81 10.21 -39.09 14.91
N GLY A 82 11.34 -38.47 14.55
CA GLY A 82 11.60 -37.97 13.21
C GLY A 82 10.96 -36.63 12.86
N VAL A 83 10.15 -36.09 13.78
CA VAL A 83 9.41 -34.84 13.57
C VAL A 83 10.15 -33.68 14.22
N PRO A 84 10.40 -32.55 13.51
CA PRO A 84 11.05 -31.38 14.11
C PRO A 84 10.16 -30.70 15.16
N VAL A 85 10.75 -30.39 16.31
CA VAL A 85 10.11 -29.59 17.35
C VAL A 85 11.02 -28.39 17.59
N ILE A 86 10.57 -27.22 17.13
CA ILE A 86 11.31 -25.97 17.26
C ILE A 86 10.67 -25.14 18.36
N TYR A 87 11.47 -24.75 19.34
CA TYR A 87 10.99 -23.99 20.49
C TYR A 87 11.29 -22.50 20.32
N LEU A 88 10.28 -21.68 20.60
CA LEU A 88 10.35 -20.23 20.50
C LEU A 88 9.81 -19.63 21.79
N SER A 89 10.54 -18.65 22.34
N SER A 89 10.54 -18.65 22.34
CA SER A 89 10.10 -17.93 23.54
CA SER A 89 10.10 -17.93 23.54
C SER A 89 9.05 -16.90 23.14
C SER A 89 9.05 -16.90 23.14
N GLN A 90 8.09 -16.67 24.04
CA GLN A 90 6.99 -15.72 23.84
C GLN A 90 6.21 -15.99 22.55
N LEU A 91 5.86 -17.27 22.36
CA LEU A 91 5.19 -17.72 21.14
C LEU A 91 3.83 -17.04 20.93
N ASN A 92 3.12 -16.75 22.02
CA ASN A 92 1.83 -16.04 21.96
C ASN A 92 1.97 -14.67 21.29
N GLU A 93 3.03 -13.95 21.65
CA GLU A 93 3.33 -12.63 21.09
C GLU A 93 3.74 -12.67 19.62
N ARG A 94 4.27 -13.81 19.19
CA ARG A 94 4.85 -13.98 17.85
C ARG A 94 3.98 -14.77 16.89
N LEU A 95 2.89 -15.33 17.39
CA LEU A 95 2.04 -16.21 16.61
C LEU A 95 1.45 -15.49 15.39
N SER A 96 1.05 -14.22 15.56
CA SER A 96 0.51 -13.43 14.45
C SER A 96 1.53 -13.30 13.33
N ALA A 97 2.77 -12.94 13.69
CA ALA A 97 3.87 -12.80 12.73
C ALA A 97 4.17 -14.13 12.03
N LEU A 98 4.19 -15.20 12.82
CA LEU A 98 4.46 -16.54 12.34
C LEU A 98 3.42 -16.97 11.31
N ALA A 99 2.15 -16.79 11.66
CA ALA A 99 1.01 -17.13 10.81
C ALA A 99 0.95 -16.23 9.56
N GLY A 100 1.23 -14.94 9.76
CA GLY A 100 1.34 -13.98 8.65
C GLY A 100 2.29 -14.47 7.57
N ARG A 101 3.49 -14.88 7.98
CA ARG A 101 4.48 -15.41 7.06
C ARG A 101 4.01 -16.70 6.39
N PHE A 102 3.41 -17.59 7.18
CA PHE A 102 2.85 -18.86 6.69
C PHE A 102 1.80 -18.66 5.60
N TYR A 103 0.90 -17.67 5.79
CA TYR A 103 -0.20 -17.41 4.86
C TYR A 103 0.11 -16.29 3.84
N HIS A 104 1.40 -16.02 3.63
CA HIS A 104 1.90 -15.12 2.59
C HIS A 104 1.46 -13.67 2.78
N GLU A 105 1.52 -13.21 4.04
CA GLU A 105 1.31 -11.82 4.43
C GLU A 105 0.07 -11.21 3.77
N PRO A 106 -1.15 -11.72 4.10
CA PRO A 106 -2.37 -11.24 3.46
C PRO A 106 -2.68 -9.74 3.65
N SER A 107 -2.24 -9.14 4.76
CA SER A 107 -2.50 -7.71 5.00
C SER A 107 -1.63 -6.77 4.15
N ASP A 108 -0.57 -7.31 3.53
CA ASP A 108 0.26 -6.60 2.56
C ASP A 108 -0.31 -6.71 1.14
N ASN A 109 -1.34 -7.55 0.98
CA ASN A 109 -1.93 -7.83 -0.33
C ASN A 109 -3.39 -7.38 -0.44
N LEU A 110 -3.83 -6.56 0.52
CA LEU A 110 -5.06 -5.78 0.42
C LEU A 110 -4.97 -4.58 1.35
N ARG A 111 -5.93 -3.64 1.23
CA ARG A 111 -6.03 -2.50 2.13
C ARG A 111 -6.84 -2.90 3.34
N LEU A 112 -6.17 -3.04 4.49
CA LEU A 112 -6.78 -3.47 5.73
C LEU A 112 -6.99 -2.27 6.61
N VAL A 113 -8.24 -2.03 7.00
CA VAL A 113 -8.58 -0.98 7.93
C VAL A 113 -9.17 -1.61 9.19
N GLY A 114 -8.58 -1.25 10.34
CA GLY A 114 -8.99 -1.74 11.64
C GLY A 114 -9.79 -0.70 12.39
N VAL A 115 -10.90 -1.12 13.00
CA VAL A 115 -11.78 -0.26 13.77
C VAL A 115 -11.83 -0.76 15.20
N THR A 116 -11.48 0.12 16.16
CA THR A 116 -11.49 -0.18 17.58
C THR A 116 -12.40 0.78 18.33
N GLY A 117 -12.89 0.34 19.50
CA GLY A 117 -13.79 1.10 20.35
C GLY A 117 -15.01 0.30 20.77
N THR A 118 -15.85 0.89 21.62
CA THR A 118 -17.02 0.22 22.18
C THR A 118 -18.19 0.29 21.21
N ASN A 119 -18.64 1.52 20.92
CA ASN A 119 -19.79 1.77 20.05
C ASN A 119 -19.38 2.01 18.61
N GLY A 120 -20.30 1.72 17.69
CA GLY A 120 -20.18 2.04 16.29
C GLY A 120 -19.12 1.31 15.49
N LYS A 121 -18.45 0.32 16.11
CA LYS A 121 -17.44 -0.49 15.42
C LYS A 121 -18.05 -1.20 14.23
N THR A 122 -19.18 -1.86 14.46
CA THR A 122 -19.81 -2.71 13.46
C THR A 122 -20.26 -1.85 12.28
N THR A 123 -20.97 -0.76 12.58
CA THR A 123 -21.49 0.14 11.56
C THR A 123 -20.38 0.78 10.76
N THR A 124 -19.40 1.34 11.46
CA THR A 124 -18.26 1.99 10.82
C THR A 124 -17.48 1.01 9.91
N THR A 125 -17.25 -0.21 10.41
CA THR A 125 -16.65 -1.30 9.65
C THR A 125 -17.45 -1.59 8.37
N GLN A 126 -18.78 -1.69 8.51
CA GLN A 126 -19.66 -1.97 7.38
C GLN A 126 -19.66 -0.83 6.37
N LEU A 127 -19.67 0.41 6.85
CA LEU A 127 -19.66 1.58 5.97
C LEU A 127 -18.33 1.67 5.19
N LEU A 128 -17.23 1.32 5.85
CA LEU A 128 -15.92 1.31 5.19
C LEU A 128 -15.93 0.32 4.04
N ALA A 129 -16.41 -0.90 4.30
CA ALA A 129 -16.51 -1.95 3.29
C ALA A 129 -17.42 -1.55 2.14
N GLN A 130 -18.61 -1.02 2.47
CA GLN A 130 -19.59 -0.56 1.49
C GLN A 130 -19.05 0.53 0.59
N TRP A 131 -18.49 1.56 1.21
CA TRP A 131 -18.05 2.77 0.50
C TRP A 131 -16.85 2.47 -0.42
N SER A 132 -15.87 1.73 0.11
CA SER A 132 -14.73 1.31 -0.65
C SER A 132 -15.15 0.49 -1.89
N GLN A 133 -16.15 -0.40 -1.72
CA GLN A 133 -16.63 -1.23 -2.81
C GLN A 133 -17.37 -0.42 -3.89
N LEU A 134 -18.16 0.57 -3.45
CA LEU A 134 -18.78 1.55 -4.36
C LEU A 134 -17.75 2.33 -5.15
N LEU A 135 -16.53 2.46 -4.61
CA LEU A 135 -15.43 3.13 -5.29
C LEU A 135 -14.58 2.21 -6.15
N GLY A 136 -14.97 0.93 -6.25
CA GLY A 136 -14.33 -0.02 -7.16
C GLY A 136 -13.61 -1.21 -6.53
N GLU A 137 -13.43 -1.20 -5.20
CA GLU A 137 -12.78 -2.30 -4.50
C GLU A 137 -13.67 -3.52 -4.47
N ILE A 138 -13.07 -4.70 -4.25
CA ILE A 138 -13.80 -5.88 -3.85
C ILE A 138 -13.58 -5.97 -2.34
N SER A 139 -14.61 -5.61 -1.57
CA SER A 139 -14.49 -5.40 -0.15
C SER A 139 -14.98 -6.59 0.69
N ALA A 140 -14.43 -6.69 1.90
CA ALA A 140 -14.75 -7.75 2.83
C ALA A 140 -14.80 -7.16 4.23
N VAL A 141 -15.41 -7.92 5.14
CA VAL A 141 -15.46 -7.56 6.54
C VAL A 141 -14.99 -8.73 7.38
N MET A 142 -14.37 -8.41 8.51
CA MET A 142 -14.05 -9.36 9.56
C MET A 142 -14.45 -8.76 10.88
N GLY A 143 -15.16 -9.52 11.72
CA GLY A 143 -15.65 -9.01 12.97
C GLY A 143 -16.69 -9.87 13.67
N THR A 144 -17.52 -9.23 14.50
CA THR A 144 -18.43 -9.90 15.42
C THR A 144 -19.59 -10.59 14.70
N VAL A 145 -20.07 -9.97 13.60
CA VAL A 145 -21.13 -10.56 12.75
C VAL A 145 -20.60 -11.85 12.10
N GLY A 146 -19.41 -11.74 11.49
CA GLY A 146 -18.69 -12.86 10.90
C GLY A 146 -17.55 -12.38 10.02
N ASN A 147 -17.14 -13.22 9.06
CA ASN A 147 -16.14 -12.90 8.05
C ASN A 147 -16.67 -13.21 6.67
N GLY A 148 -16.26 -12.41 5.68
CA GLY A 148 -16.54 -12.70 4.29
C GLY A 148 -16.52 -11.49 3.39
N LEU A 149 -16.62 -11.75 2.07
CA LEU A 149 -16.84 -10.69 1.09
C LEU A 149 -18.15 -10.02 1.44
N LEU A 150 -18.27 -8.73 1.07
CA LEU A 150 -19.45 -7.94 1.35
C LEU A 150 -20.69 -8.62 0.79
N GLY A 151 -21.69 -8.84 1.66
CA GLY A 151 -22.94 -9.48 1.30
C GLY A 151 -22.90 -11.01 1.32
N LYS A 152 -21.74 -11.58 1.71
CA LYS A 152 -21.59 -13.02 1.87
C LYS A 152 -20.80 -13.30 3.15
N VAL A 153 -21.22 -12.67 4.25
CA VAL A 153 -20.56 -12.82 5.55
C VAL A 153 -20.98 -14.14 6.21
N ILE A 154 -20.00 -15.00 6.47
CA ILE A 154 -20.22 -16.31 7.06
C ILE A 154 -20.01 -16.19 8.57
N PRO A 155 -20.99 -16.60 9.41
CA PRO A 155 -20.81 -16.60 10.86
C PRO A 155 -19.73 -17.57 11.33
N GLY A 161 -11.26 -17.57 17.82
CA GLY A 161 -10.46 -16.85 16.85
C GLY A 161 -9.07 -16.48 17.35
N SER A 162 -8.08 -17.33 17.05
CA SER A 162 -6.68 -17.10 17.42
C SER A 162 -5.96 -16.22 16.41
N ALA A 163 -4.71 -15.85 16.73
CA ALA A 163 -3.86 -15.12 15.81
C ALA A 163 -3.69 -15.86 14.47
N VAL A 164 -3.68 -17.20 14.54
CA VAL A 164 -3.61 -18.04 13.34
C VAL A 164 -4.88 -17.94 12.50
N ASP A 165 -6.05 -18.01 13.16
CA ASP A 165 -7.34 -17.90 12.48
C ASP A 165 -7.50 -16.57 11.74
N VAL A 166 -7.09 -15.48 12.40
CA VAL A 166 -7.15 -14.15 11.83
C VAL A 166 -6.38 -14.10 10.51
N GLN A 167 -5.12 -14.55 10.54
CA GLN A 167 -4.27 -14.54 9.37
C GLN A 167 -4.83 -15.46 8.29
N HIS A 168 -5.28 -16.64 8.72
CA HIS A 168 -5.86 -17.65 7.84
C HIS A 168 -7.08 -17.14 7.09
N GLU A 169 -8.02 -16.51 7.80
CA GLU A 169 -9.24 -15.97 7.21
C GLU A 169 -8.96 -14.82 6.26
N LEU A 170 -8.03 -13.94 6.65
CA LEU A 170 -7.64 -12.81 5.82
C LEU A 170 -7.02 -13.30 4.50
N ALA A 171 -6.22 -14.38 4.58
CA ALA A 171 -5.65 -15.04 3.41
C ALA A 171 -6.73 -15.65 2.52
N GLY A 172 -7.78 -16.18 3.16
CA GLY A 172 -8.93 -16.72 2.44
C GLY A 172 -9.65 -15.66 1.65
N LEU A 173 -9.82 -14.49 2.26
CA LEU A 173 -10.42 -13.33 1.60
C LEU A 173 -9.56 -12.83 0.44
N VAL A 174 -8.24 -12.78 0.64
CA VAL A 174 -7.30 -12.42 -0.42
C VAL A 174 -7.51 -13.34 -1.63
N ASP A 175 -7.60 -14.65 -1.35
CA ASP A 175 -7.80 -15.68 -2.38
C ASP A 175 -9.11 -15.55 -3.14
N GLN A 176 -10.15 -15.05 -2.46
CA GLN A 176 -11.45 -14.79 -3.09
C GLN A 176 -11.49 -13.47 -3.88
N GLY A 177 -10.36 -12.73 -3.89
CA GLY A 177 -10.20 -11.53 -4.69
C GLY A 177 -10.37 -10.21 -3.96
N ALA A 178 -10.54 -10.27 -2.64
CA ALA A 178 -10.71 -9.08 -1.82
C ALA A 178 -9.49 -8.17 -1.94
N THR A 179 -9.74 -6.88 -2.21
CA THR A 179 -8.72 -5.84 -2.27
C THR A 179 -8.80 -4.88 -1.09
N PHE A 180 -9.86 -5.02 -0.29
CA PHE A 180 -10.14 -4.14 0.84
C PHE A 180 -10.83 -4.96 1.92
N CYS A 181 -10.40 -4.78 3.17
CA CYS A 181 -11.04 -5.44 4.29
C CYS A 181 -11.15 -4.49 5.46
N ALA A 182 -12.38 -4.33 5.97
CA ALA A 182 -12.65 -3.59 7.19
C ALA A 182 -12.82 -4.60 8.30
N MET A 183 -11.96 -4.47 9.32
CA MET A 183 -11.88 -5.42 10.42
C MET A 183 -12.24 -4.74 11.73
N GLU A 184 -13.26 -5.27 12.42
CA GLU A 184 -13.54 -4.93 13.81
C GLU A 184 -12.48 -5.59 14.65
N VAL A 185 -11.76 -4.80 15.45
CA VAL A 185 -10.79 -5.32 16.39
C VAL A 185 -11.33 -5.21 17.81
N SER A 186 -11.64 -6.36 18.41
CA SER A 186 -12.11 -6.45 19.80
C SER A 186 -10.99 -6.06 20.75
N SER A 187 -11.36 -5.37 21.83
CA SER A 187 -10.41 -4.96 22.85
C SER A 187 -9.57 -6.15 23.33
N HIS A 188 -10.22 -7.30 23.47
CA HIS A 188 -9.60 -8.54 23.92
C HIS A 188 -8.63 -9.13 22.89
N GLY A 189 -9.03 -9.07 21.61
CA GLY A 189 -8.20 -9.50 20.51
C GLY A 189 -6.86 -8.77 20.46
N LEU A 190 -6.90 -7.46 20.69
CA LEU A 190 -5.72 -6.62 20.65
C LEU A 190 -4.76 -7.00 21.78
N VAL A 191 -5.30 -7.05 23.00
CA VAL A 191 -4.52 -7.36 24.20
C VAL A 191 -3.84 -8.74 24.11
N GLN A 192 -4.55 -9.71 23.50
CA GLN A 192 -4.05 -11.08 23.33
C GLN A 192 -3.19 -11.29 22.07
N HIS A 193 -2.80 -10.19 21.42
CA HIS A 193 -1.86 -10.20 20.30
C HIS A 193 -2.37 -10.95 19.06
N ARG A 194 -3.70 -10.97 18.89
CA ARG A 194 -4.35 -11.64 17.76
C ARG A 194 -4.26 -10.89 16.43
N VAL A 195 -3.92 -9.60 16.47
CA VAL A 195 -3.70 -8.81 15.27
C VAL A 195 -2.31 -8.14 15.27
N ALA A 196 -1.40 -8.68 16.09
CA ALA A 196 -0.10 -8.06 16.35
C ALA A 196 0.74 -7.77 15.09
N ALA A 197 0.70 -8.67 14.09
CA ALA A 197 1.55 -8.56 12.90
C ALA A 197 0.83 -8.08 11.65
N LEU A 198 -0.42 -7.62 11.80
CA LEU A 198 -1.21 -7.16 10.66
C LEU A 198 -0.77 -5.76 10.26
N LYS A 199 -0.57 -5.56 8.96
CA LYS A 199 -0.25 -4.24 8.42
C LYS A 199 -1.56 -3.50 8.13
N PHE A 200 -2.00 -2.71 9.11
CA PHE A 200 -3.18 -1.86 8.96
C PHE A 200 -2.82 -0.63 8.15
N ALA A 201 -3.54 -0.40 7.05
CA ALA A 201 -3.47 0.83 6.27
C ALA A 201 -4.00 2.01 7.10
N ALA A 202 -5.02 1.74 7.91
CA ALA A 202 -5.56 2.73 8.81
C ALA A 202 -6.19 2.06 10.02
N SER A 203 -6.20 2.81 11.14
CA SER A 203 -6.85 2.39 12.38
C SER A 203 -7.82 3.48 12.79
N VAL A 204 -9.10 3.09 12.94
CA VAL A 204 -10.18 3.99 13.32
C VAL A 204 -10.56 3.76 14.78
N PHE A 205 -10.54 4.84 15.57
CA PHE A 205 -10.88 4.82 16.98
C PHE A 205 -12.23 5.51 17.16
N THR A 206 -13.32 4.72 17.21
CA THR A 206 -14.69 5.25 17.40
C THR A 206 -14.81 5.89 18.77
N ASN A 207 -14.05 5.35 19.73
CA ASN A 207 -13.83 5.94 21.03
C ASN A 207 -12.69 5.19 21.71
N LEU A 208 -12.14 5.78 22.79
CA LEU A 208 -11.18 5.12 23.67
C LEU A 208 -11.60 5.16 25.15
N SER A 209 -12.82 5.67 25.40
CA SER A 209 -13.42 5.69 26.72
C SER A 209 -13.87 4.28 27.09
N ARG A 210 -14.16 4.12 28.38
CA ARG A 210 -14.45 2.85 29.01
C ARG A 210 -14.89 3.21 30.43
N ASP A 211 -15.92 2.51 30.92
CA ASP A 211 -16.41 2.67 32.29
C ASP A 211 -15.34 2.26 33.30
N HIS A 212 -15.57 2.61 34.56
CA HIS A 212 -14.77 2.14 35.71
C HIS A 212 -13.35 2.76 35.77
N LEU A 213 -13.23 3.99 35.25
CA LEU A 213 -11.95 4.70 35.18
C LEU A 213 -12.03 6.11 35.77
N ASP A 214 -12.72 6.22 36.92
CA ASP A 214 -12.93 7.49 37.63
C ASP A 214 -11.77 7.86 38.56
N TYR A 215 -11.01 6.85 39.02
CA TYR A 215 -9.76 7.06 39.71
C TYR A 215 -8.69 7.45 38.69
N HIS A 216 -7.96 8.53 39.00
CA HIS A 216 -7.00 9.13 38.07
C HIS A 216 -5.84 8.20 37.76
N GLY A 217 -5.41 7.43 38.77
CA GLY A 217 -4.42 6.38 38.60
C GLY A 217 -4.88 5.32 37.62
N ASP A 218 -6.17 4.97 37.68
CA ASP A 218 -6.74 3.91 36.84
C ASP A 218 -6.79 4.31 35.36
N MET A 219 -7.31 5.52 35.09
CA MET A 219 -7.32 6.09 33.73
C MET A 219 -5.88 6.13 33.16
N GLU A 220 -4.92 6.55 34.00
CA GLU A 220 -3.52 6.60 33.64
C GLU A 220 -2.98 5.24 33.22
N HIS A 221 -3.31 4.19 34.00
CA HIS A 221 -2.86 2.82 33.68
C HIS A 221 -3.52 2.30 32.41
N TYR A 222 -4.84 2.53 32.28
CA TYR A 222 -5.60 2.11 31.12
C TYR A 222 -4.97 2.66 29.85
N GLU A 223 -4.75 3.99 29.85
CA GLU A 223 -4.16 4.69 28.71
C GLU A 223 -2.77 4.19 28.38
N ALA A 224 -1.94 4.00 29.43
CA ALA A 224 -0.57 3.55 29.28
C ALA A 224 -0.54 2.16 28.65
N ALA A 225 -1.40 1.28 29.16
CA ALA A 225 -1.52 -0.08 28.63
C ALA A 225 -1.86 -0.05 27.14
N LYS A 226 -2.84 0.77 26.77
CA LYS A 226 -3.30 0.88 25.38
C LYS A 226 -2.26 1.55 24.49
N TRP A 227 -1.71 2.67 24.94
CA TRP A 227 -0.67 3.38 24.20
C TRP A 227 0.50 2.44 23.90
N LEU A 228 0.94 1.70 24.94
CA LEU A 228 1.98 0.69 24.77
C LEU A 228 1.63 -0.31 23.67
N LEU A 229 0.42 -0.87 23.76
CA LEU A 229 -0.10 -1.84 22.78
C LEU A 229 -0.07 -1.28 21.37
N TYR A 230 -0.62 -0.08 21.18
CA TYR A 230 -0.69 0.55 19.87
C TYR A 230 0.69 0.88 19.30
N SER A 231 1.63 1.27 20.17
CA SER A 231 3.02 1.48 19.79
C SER A 231 3.68 0.24 19.17
N GLU A 232 3.17 -0.95 19.54
CA GLU A 232 3.68 -2.23 19.06
C GLU A 232 2.99 -2.74 17.80
N HIS A 233 1.98 -2.00 17.31
CA HIS A 233 1.24 -2.39 16.10
C HIS A 233 1.56 -1.46 14.95
N HIS A 234 1.40 -1.99 13.73
CA HIS A 234 1.44 -1.21 12.51
C HIS A 234 0.02 -0.67 12.27
N CYS A 235 -0.27 0.49 12.85
CA CYS A 235 -1.60 1.10 12.85
C CYS A 235 -1.92 1.84 11.56
N GLY A 236 -0.88 2.27 10.83
CA GLY A 236 -1.03 3.08 9.64
C GLY A 236 -1.60 4.44 10.00
N GLN A 237 -2.51 4.95 9.16
CA GLN A 237 -3.14 6.24 9.43
C GLN A 237 -4.17 6.11 10.57
N ALA A 238 -4.02 6.97 11.58
CA ALA A 238 -4.90 7.01 12.74
C ALA A 238 -6.02 7.99 12.46
N ILE A 239 -7.26 7.50 12.59
CA ILE A 239 -8.47 8.29 12.45
C ILE A 239 -9.22 8.20 13.78
N ILE A 240 -9.33 9.34 14.47
CA ILE A 240 -9.79 9.38 15.85
C ILE A 240 -11.02 10.25 16.01
N ASN A 241 -12.03 9.71 16.70
CA ASN A 241 -13.21 10.45 17.09
C ASN A 241 -12.86 11.44 18.20
N ALA A 242 -12.86 12.74 17.85
CA ALA A 242 -12.55 13.83 18.79
C ALA A 242 -13.71 14.19 19.72
N ASP A 243 -14.87 13.55 19.55
CA ASP A 243 -16.02 13.75 20.43
C ASP A 243 -15.91 12.85 21.66
N ASP A 244 -14.96 11.92 21.63
CA ASP A 244 -14.56 11.12 22.77
C ASP A 244 -13.46 11.83 23.57
N GLU A 245 -13.60 11.82 24.90
CA GLU A 245 -12.68 12.50 25.81
C GLU A 245 -11.27 11.96 25.67
N VAL A 246 -11.13 10.64 25.62
CA VAL A 246 -9.83 9.99 25.50
C VAL A 246 -9.26 10.24 24.10
N GLY A 247 -10.12 10.11 23.08
CA GLY A 247 -9.82 10.47 21.71
C GLY A 247 -9.13 11.83 21.57
N ARG A 248 -9.68 12.87 22.20
CA ARG A 248 -9.09 14.21 22.17
C ARG A 248 -7.67 14.24 22.74
N ARG A 249 -7.51 13.66 23.93
CA ARG A 249 -6.22 13.66 24.60
C ARG A 249 -5.16 12.97 23.75
N TRP A 250 -5.55 11.89 23.08
CA TRP A 250 -4.68 11.15 22.18
C TRP A 250 -4.35 11.96 20.91
N LEU A 251 -5.37 12.63 20.36
CA LEU A 251 -5.18 13.49 19.19
C LEU A 251 -4.16 14.60 19.46
N ALA A 252 -4.15 15.12 20.69
CA ALA A 252 -3.19 16.15 21.10
C ALA A 252 -1.73 15.69 21.03
N LYS A 253 -1.53 14.37 21.09
CA LYS A 253 -0.21 13.73 21.06
C LYS A 253 0.15 13.12 19.70
N LEU A 254 -0.78 13.19 18.74
CA LEU A 254 -0.64 12.52 17.45
C LEU A 254 -0.85 13.52 16.30
N PRO A 255 0.19 14.29 15.91
CA PRO A 255 0.01 15.34 14.92
C PRO A 255 -0.37 14.83 13.51
N ASP A 256 -0.09 13.56 13.20
CA ASP A 256 -0.46 12.94 11.92
C ASP A 256 -1.83 12.27 11.90
N ALA A 257 -2.50 12.19 13.05
CA ALA A 257 -3.81 11.55 13.16
C ALA A 257 -4.88 12.51 12.65
N VAL A 258 -5.96 11.96 12.09
CA VAL A 258 -7.10 12.74 11.61
C VAL A 258 -8.14 12.86 12.72
N ALA A 259 -8.51 14.11 13.04
CA ALA A 259 -9.52 14.41 14.04
C ALA A 259 -10.88 14.50 13.37
N VAL A 260 -11.87 13.79 13.92
CA VAL A 260 -13.23 13.79 13.41
C VAL A 260 -14.20 14.20 14.52
N SER A 261 -15.12 15.10 14.19
CA SER A 261 -16.10 15.62 15.14
C SER A 261 -17.40 16.04 14.48
N MET A 262 -18.49 15.90 15.24
CA MET A 262 -19.78 16.52 14.91
C MET A 262 -20.29 17.36 16.08
N GLU A 263 -19.42 17.62 17.08
CA GLU A 263 -19.77 18.41 18.26
C GLU A 263 -18.74 19.50 18.56
N ASP A 264 -18.09 20.01 17.50
CA ASP A 264 -17.19 21.15 17.57
C ASP A 264 -15.93 20.95 18.42
N HIS A 265 -15.32 19.76 18.33
CA HIS A 265 -14.09 19.44 19.07
C HIS A 265 -12.80 19.45 18.24
N ILE A 266 -12.89 19.90 16.98
CA ILE A 266 -11.72 20.14 16.15
C ILE A 266 -11.03 21.41 16.65
N ASN A 267 -9.72 21.32 16.91
CA ASN A 267 -8.88 22.47 17.18
C ASN A 267 -8.02 22.79 15.95
N PRO A 268 -8.43 23.77 15.12
CA PRO A 268 -7.71 24.06 13.87
C PRO A 268 -6.33 24.67 14.05
N ASN A 269 -6.02 25.20 15.24
CA ASN A 269 -4.70 25.74 15.56
C ASN A 269 -3.56 24.73 15.34
N CYS A 270 -3.90 23.44 15.47
CA CYS A 270 -2.94 22.35 15.30
C CYS A 270 -2.43 22.15 13.85
N HIS A 271 -3.20 22.65 12.87
CA HIS A 271 -2.91 22.52 11.43
C HIS A 271 -2.81 21.06 10.97
N GLY A 272 -3.46 20.16 11.72
CA GLY A 272 -3.51 18.75 11.39
C GLY A 272 -4.60 18.53 10.37
N ARG A 273 -4.86 17.27 10.05
CA ARG A 273 -5.94 16.89 9.18
C ARG A 273 -7.18 16.68 10.03
N TRP A 274 -8.33 17.10 9.49
CA TRP A 274 -9.58 17.07 10.23
C TRP A 274 -10.79 17.01 9.32
N LEU A 275 -11.92 16.63 9.91
CA LEU A 275 -13.21 16.54 9.26
C LEU A 275 -14.25 16.78 10.36
N LYS A 276 -15.15 17.73 10.13
CA LYS A 276 -16.22 18.01 11.07
C LYS A 276 -17.52 18.32 10.36
N ALA A 277 -18.62 17.82 10.93
CA ALA A 277 -19.96 18.22 10.54
C ALA A 277 -20.17 19.63 11.06
N THR A 278 -20.56 20.54 10.17
CA THR A 278 -20.85 21.93 10.52
C THR A 278 -22.33 22.07 10.86
N GLU A 279 -23.18 21.36 10.12
CA GLU A 279 -24.60 21.25 10.44
C GLU A 279 -25.18 19.96 9.90
N VAL A 280 -26.21 19.47 10.59
CA VAL A 280 -26.93 18.28 10.22
C VAL A 280 -28.41 18.57 10.24
N ASN A 281 -29.11 18.17 9.17
CA ASN A 281 -30.56 18.19 9.12
C ASN A 281 -31.07 16.74 9.16
N TYR A 282 -31.62 16.34 10.31
CA TYR A 282 -32.24 15.03 10.47
C TYR A 282 -33.66 15.14 9.94
N HIS A 283 -33.92 14.50 8.79
CA HIS A 283 -35.23 14.53 8.14
C HIS A 283 -35.81 13.11 8.08
N ASP A 284 -36.96 12.96 7.41
CA ASP A 284 -37.79 11.76 7.49
C ASP A 284 -37.19 10.50 6.84
N SER A 285 -36.16 10.67 5.99
CA SER A 285 -35.56 9.55 5.28
C SER A 285 -34.05 9.39 5.51
N GLY A 286 -33.50 10.19 6.43
CA GLY A 286 -32.09 10.18 6.74
C GLY A 286 -31.58 11.51 7.24
N ALA A 287 -30.32 11.81 6.93
CA ALA A 287 -29.67 13.03 7.39
C ALA A 287 -28.89 13.69 6.26
N THR A 288 -29.03 15.02 6.17
CA THR A 288 -28.21 15.84 5.31
C THR A 288 -27.10 16.41 6.16
N ILE A 289 -25.86 16.04 5.83
CA ILE A 289 -24.69 16.38 6.61
C ILE A 289 -23.85 17.37 5.82
N ARG A 290 -23.75 18.59 6.34
CA ARG A 290 -22.79 19.57 5.84
C ARG A 290 -21.52 19.45 6.65
N PHE A 291 -20.38 19.39 5.95
CA PHE A 291 -19.10 19.19 6.60
C PHE A 291 -18.01 20.00 5.94
N SER A 292 -16.98 20.32 6.72
N SER A 292 -16.98 20.32 6.72
CA SER A 292 -15.74 20.89 6.24
CA SER A 292 -15.73 20.89 6.23
C SER A 292 -14.61 19.93 6.61
C SER A 292 -14.61 19.93 6.61
N SER A 293 -13.53 19.96 5.82
CA SER A 293 -12.38 19.09 6.05
C SER A 293 -11.14 19.67 5.40
N SER A 294 -9.97 19.17 5.82
CA SER A 294 -8.70 19.55 5.24
C SER A 294 -8.60 19.12 3.77
N TRP A 295 -9.50 18.23 3.33
CA TRP A 295 -9.60 17.80 1.93
C TRP A 295 -10.61 18.60 1.11
N GLY A 296 -11.35 19.51 1.74
CA GLY A 296 -12.41 20.26 1.11
C GLY A 296 -13.74 19.99 1.78
N ASP A 297 -14.73 20.84 1.46
CA ASP A 297 -16.05 20.83 2.07
C ASP A 297 -17.08 20.23 1.12
N GLY A 298 -18.23 19.86 1.68
CA GLY A 298 -19.28 19.25 0.90
C GLY A 298 -20.57 19.01 1.66
N GLU A 299 -21.44 18.21 1.03
CA GLU A 299 -22.74 17.88 1.59
C GLU A 299 -23.08 16.45 1.19
N ILE A 300 -23.37 15.62 2.21
CA ILE A 300 -23.72 14.22 2.04
C ILE A 300 -25.19 14.00 2.39
N GLU A 301 -25.88 13.23 1.55
CA GLU A 301 -27.21 12.74 1.82
C GLU A 301 -27.08 11.30 2.32
N SER A 302 -27.18 11.15 3.64
CA SER A 302 -27.09 9.86 4.28
C SER A 302 -28.49 9.32 4.43
N HIS A 303 -28.66 8.03 4.16
CA HIS A 303 -29.89 7.31 4.39
C HIS A 303 -29.84 6.49 5.70
N LEU A 304 -28.94 6.87 6.60
CA LEU A 304 -28.85 6.30 7.94
C LEU A 304 -29.46 7.27 8.95
N MET A 305 -29.92 6.73 10.09
CA MET A 305 -30.69 7.46 11.08
C MET A 305 -29.91 7.66 12.38
N GLY A 306 -30.04 8.87 12.95
CA GLY A 306 -29.57 9.21 14.28
C GLY A 306 -28.18 9.84 14.26
N ALA A 307 -27.81 10.45 15.39
CA ALA A 307 -26.55 11.16 15.54
C ALA A 307 -25.34 10.24 15.49
N PHE A 308 -25.44 9.09 16.15
CA PHE A 308 -24.36 8.11 16.19
C PHE A 308 -23.93 7.68 14.78
N ASN A 309 -24.91 7.48 13.89
CA ASN A 309 -24.65 7.07 12.52
C ASN A 309 -24.08 8.21 11.63
N VAL A 310 -24.30 9.46 12.03
CA VAL A 310 -23.59 10.59 11.42
C VAL A 310 -22.09 10.44 11.77
N SER A 311 -21.79 10.27 13.06
CA SER A 311 -20.41 10.08 13.54
C SER A 311 -19.72 8.92 12.82
N ASN A 312 -20.40 7.77 12.77
CA ASN A 312 -19.88 6.58 12.13
C ASN A 312 -19.57 6.82 10.65
N LEU A 313 -20.47 7.52 9.96
CA LEU A 313 -20.29 7.86 8.55
C LEU A 313 -19.09 8.80 8.36
N LEU A 314 -19.00 9.83 9.20
CA LEU A 314 -17.89 10.80 9.15
C LEU A 314 -16.52 10.11 9.41
N LEU A 315 -16.49 9.14 10.32
CA LEU A 315 -15.27 8.38 10.59
C LEU A 315 -14.83 7.59 9.36
N ALA A 316 -15.79 6.94 8.70
CA ALA A 316 -15.51 6.20 7.47
C ALA A 316 -15.02 7.13 6.36
N LEU A 317 -15.67 8.30 6.23
CA LEU A 317 -15.30 9.32 5.24
C LEU A 317 -13.86 9.80 5.45
N ALA A 318 -13.55 10.21 6.69
CA ALA A 318 -12.23 10.69 7.05
C ALA A 318 -11.15 9.63 6.79
N THR A 319 -11.47 8.37 7.12
CA THR A 319 -10.57 7.24 6.87
C THR A 319 -10.26 7.10 5.38
N LEU A 320 -11.31 7.07 4.56
CA LEU A 320 -11.16 6.86 3.13
C LEU A 320 -10.45 8.05 2.47
N LEU A 321 -10.71 9.26 2.98
CA LEU A 321 -9.99 10.46 2.53
C LEU A 321 -8.50 10.36 2.86
N ALA A 322 -8.18 9.91 4.08
CA ALA A 322 -6.79 9.74 4.54
C ALA A 322 -6.05 8.72 3.70
N LEU A 323 -6.78 7.69 3.24
CA LEU A 323 -6.24 6.67 2.37
C LEU A 323 -6.09 7.11 0.91
N GLY A 324 -6.61 8.31 0.59
CA GLY A 324 -6.42 8.93 -0.71
C GLY A 324 -7.53 8.74 -1.74
N TYR A 325 -8.68 8.20 -1.31
CA TYR A 325 -9.85 8.14 -2.18
C TYR A 325 -10.34 9.57 -2.40
N PRO A 326 -10.63 9.99 -3.64
CA PRO A 326 -10.99 11.40 -3.91
C PRO A 326 -12.33 11.79 -3.28
N LEU A 327 -12.35 12.99 -2.69
CA LEU A 327 -13.54 13.54 -2.07
C LEU A 327 -14.75 13.47 -3.02
N ALA A 328 -14.55 13.91 -4.27
CA ALA A 328 -15.63 13.96 -5.26
C ALA A 328 -16.28 12.58 -5.47
N ASP A 329 -15.47 11.53 -5.58
CA ASP A 329 -15.96 10.16 -5.77
C ASP A 329 -16.70 9.61 -4.53
N LEU A 330 -16.21 9.99 -3.35
CA LEU A 330 -16.86 9.64 -2.08
C LEU A 330 -18.24 10.30 -1.99
N LEU A 331 -18.31 11.58 -2.33
CA LEU A 331 -19.59 12.33 -2.37
C LEU A 331 -20.60 11.73 -3.35
N LYS A 332 -20.13 11.30 -4.54
CA LYS A 332 -20.98 10.74 -5.59
C LYS A 332 -21.61 9.40 -5.22
N THR A 333 -21.01 8.70 -4.25
CA THR A 333 -21.46 7.38 -3.83
C THR A 333 -22.11 7.33 -2.45
N ALA A 334 -22.06 8.43 -1.69
CA ALA A 334 -22.51 8.46 -0.29
C ALA A 334 -23.99 8.08 -0.13
N ALA A 335 -24.81 8.46 -1.10
CA ALA A 335 -26.25 8.21 -1.08
C ALA A 335 -26.61 6.73 -1.21
N ARG A 336 -25.64 5.92 -1.67
CA ARG A 336 -25.85 4.48 -1.83
C ARG A 336 -25.46 3.66 -0.60
N LEU A 337 -24.86 4.33 0.40
CA LEU A 337 -24.57 3.69 1.68
C LEU A 337 -25.90 3.27 2.34
N GLN A 338 -25.93 2.03 2.83
CA GLN A 338 -27.13 1.45 3.44
C GLN A 338 -26.92 1.25 4.92
N PRO A 339 -28.02 1.20 5.73
CA PRO A 339 -27.90 0.81 7.13
C PRO A 339 -27.52 -0.64 7.23
N VAL A 340 -26.85 -1.02 8.34
CA VAL A 340 -26.63 -2.41 8.67
C VAL A 340 -28.03 -2.99 8.90
N CYS A 341 -28.29 -4.18 8.33
CA CYS A 341 -29.62 -4.80 8.32
C CYS A 341 -30.22 -4.84 9.73
N GLY A 342 -31.46 -4.36 9.85
CA GLY A 342 -32.16 -4.29 11.14
C GLY A 342 -31.57 -3.35 12.18
N ARG A 343 -30.67 -2.46 11.75
CA ARG A 343 -30.14 -1.39 12.61
C ARG A 343 -30.64 -0.04 12.08
N MET A 344 -31.64 0.50 12.77
CA MET A 344 -32.26 1.77 12.42
C MET A 344 -32.48 1.84 10.91
N GLU A 345 -33.10 0.79 10.37
CA GLU A 345 -33.38 0.70 8.96
C GLU A 345 -34.67 1.45 8.67
N VAL A 346 -34.57 2.53 7.88
CA VAL A 346 -35.70 3.38 7.59
C VAL A 346 -36.47 2.90 6.36
N PHE A 347 -37.80 2.99 6.45
CA PHE A 347 -38.71 2.69 5.36
C PHE A 347 -39.59 3.92 5.20
N THR A 348 -39.56 4.49 3.98
CA THR A 348 -40.37 5.64 3.63
C THR A 348 -41.16 5.30 2.38
N ALA A 349 -42.32 5.93 2.26
CA ALA A 349 -43.08 5.90 1.04
C ALA A 349 -43.79 7.24 0.90
N PRO A 350 -44.10 7.66 -0.34
CA PRO A 350 -44.72 8.96 -0.59
C PRO A 350 -45.98 9.14 0.24
N GLY A 351 -45.98 10.19 1.08
CA GLY A 351 -47.16 10.57 1.84
C GLY A 351 -47.50 9.67 3.01
N LYS A 352 -46.58 8.76 3.35
CA LYS A 352 -46.75 7.82 4.45
C LYS A 352 -45.90 8.22 5.65
N PRO A 353 -46.21 7.73 6.88
CA PRO A 353 -45.30 7.90 8.01
C PRO A 353 -43.98 7.22 7.73
N THR A 354 -42.90 7.76 8.31
CA THR A 354 -41.60 7.11 8.29
C THR A 354 -41.65 5.95 9.27
N VAL A 355 -41.19 4.77 8.82
CA VAL A 355 -41.13 3.59 9.70
C VAL A 355 -39.69 3.10 9.79
N VAL A 356 -39.22 2.91 11.02
CA VAL A 356 -37.86 2.44 11.31
C VAL A 356 -37.96 1.06 11.97
N VAL A 357 -37.23 0.09 11.41
CA VAL A 357 -37.14 -1.24 11.97
C VAL A 357 -35.77 -1.38 12.63
N ASP A 358 -35.78 -1.69 13.92
CA ASP A 358 -34.54 -1.83 14.67
C ASP A 358 -34.63 -3.02 15.60
N TYR A 359 -33.48 -3.68 15.81
CA TYR A 359 -33.40 -4.92 16.55
C TYR A 359 -33.51 -4.73 18.08
N ALA A 360 -33.45 -3.47 18.54
CA ALA A 360 -33.43 -3.11 19.96
C ALA A 360 -34.40 -3.93 20.82
N HIS A 361 -33.83 -4.72 21.74
CA HIS A 361 -34.59 -5.62 22.60
C HIS A 361 -34.11 -5.58 24.06
N THR A 362 -33.51 -4.45 24.45
CA THR A 362 -33.10 -4.17 25.82
C THR A 362 -33.43 -2.71 26.15
N PRO A 363 -33.57 -2.34 27.44
CA PRO A 363 -33.92 -0.96 27.80
C PRO A 363 -32.98 0.10 27.21
N ASP A 364 -31.67 -0.15 27.28
CA ASP A 364 -30.67 0.77 26.75
C ASP A 364 -30.74 0.92 25.22
N ALA A 365 -30.83 -0.20 24.51
CA ALA A 365 -30.98 -0.20 23.04
C ALA A 365 -32.26 0.51 22.61
N LEU A 366 -33.37 0.23 23.32
CA LEU A 366 -34.65 0.82 22.98
C LEU A 366 -34.61 2.34 23.16
N GLU A 367 -34.04 2.79 24.28
CA GLU A 367 -33.89 4.21 24.56
C GLU A 367 -33.08 4.93 23.47
N LYS A 368 -31.92 4.37 23.10
CA LYS A 368 -31.06 4.95 22.08
C LYS A 368 -31.78 5.03 20.73
N ALA A 369 -32.52 3.97 20.39
CA ALA A 369 -33.22 3.89 19.12
C ALA A 369 -34.33 4.93 19.01
N LEU A 370 -35.05 5.15 20.13
CA LEU A 370 -36.10 6.17 20.20
C LEU A 370 -35.52 7.59 20.13
N GLN A 371 -34.43 7.83 20.86
CA GLN A 371 -33.71 9.11 20.83
C GLN A 371 -33.20 9.43 19.41
N ALA A 372 -32.69 8.41 18.71
CA ALA A 372 -32.25 8.52 17.32
C ALA A 372 -33.45 8.83 16.41
N ALA A 373 -34.53 8.05 16.54
CA ALA A 373 -35.75 8.25 15.76
C ALA A 373 -36.37 9.63 15.98
N ARG A 374 -36.36 10.10 17.23
CA ARG A 374 -36.91 11.41 17.61
C ARG A 374 -36.34 12.55 16.75
N LEU A 375 -35.03 12.49 16.48
CA LEU A 375 -34.32 13.51 15.70
C LEU A 375 -34.94 13.71 14.29
N HIS A 376 -35.44 12.62 13.70
CA HIS A 376 -36.01 12.63 12.37
C HIS A 376 -37.54 12.83 12.37
N CYS A 377 -38.11 13.09 13.56
CA CYS A 377 -39.56 13.07 13.75
C CYS A 377 -40.12 14.47 14.01
N ALA A 378 -40.82 15.00 13.00
CA ALA A 378 -41.50 16.29 13.11
C ALA A 378 -42.79 16.19 13.92
N GLY A 379 -43.49 15.05 13.78
CA GLY A 379 -44.77 14.84 14.41
C GLY A 379 -44.68 14.04 15.70
N LYS A 380 -45.44 12.94 15.77
CA LYS A 380 -45.44 12.04 16.91
C LYS A 380 -44.57 10.81 16.65
N LEU A 381 -43.84 10.39 17.70
CA LEU A 381 -43.02 9.19 17.69
C LEU A 381 -43.80 8.01 18.29
N TRP A 382 -44.06 6.99 17.46
CA TRP A 382 -44.69 5.74 17.87
C TRP A 382 -43.61 4.67 18.11
N CYS A 383 -43.83 3.83 19.12
CA CYS A 383 -42.97 2.70 19.44
C CYS A 383 -43.78 1.42 19.53
N VAL A 384 -43.62 0.53 18.56
CA VAL A 384 -44.23 -0.80 18.58
C VAL A 384 -43.19 -1.82 19.03
N PHE A 385 -43.49 -2.52 20.13
CA PHE A 385 -42.56 -3.48 20.72
C PHE A 385 -43.23 -4.47 21.66
N GLY A 386 -42.52 -5.56 21.92
CA GLY A 386 -42.84 -6.53 22.96
C GLY A 386 -41.55 -7.05 23.58
N CYS A 387 -41.69 -8.08 24.41
CA CYS A 387 -40.54 -8.76 25.01
C CYS A 387 -40.68 -10.27 24.86
N GLY A 388 -39.53 -10.94 24.77
CA GLY A 388 -39.47 -12.37 24.56
C GLY A 388 -40.00 -13.11 25.76
N GLY A 389 -40.70 -14.21 25.49
CA GLY A 389 -41.22 -15.09 26.52
C GLY A 389 -40.17 -16.11 26.90
N ASP A 390 -40.36 -16.71 28.08
CA ASP A 390 -39.47 -17.75 28.64
C ASP A 390 -37.99 -17.32 28.78
N ARG A 391 -37.79 -16.00 28.88
CA ARG A 391 -36.50 -15.38 29.14
C ARG A 391 -36.63 -14.51 30.38
N ASP A 392 -35.50 -13.97 30.85
CA ASP A 392 -35.47 -13.07 32.00
C ASP A 392 -36.52 -11.97 31.85
N LYS A 393 -37.31 -11.77 32.91
CA LYS A 393 -38.47 -10.88 32.90
C LYS A 393 -38.16 -9.47 33.41
N GLY A 394 -36.96 -9.27 33.96
CA GLY A 394 -36.56 -8.01 34.56
C GLY A 394 -36.63 -6.78 33.68
N LYS A 395 -36.27 -6.95 32.40
CA LYS A 395 -36.24 -5.84 31.43
C LYS A 395 -37.62 -5.31 31.04
N ARG A 396 -38.65 -6.12 31.29
CA ARG A 396 -40.00 -5.86 30.80
C ARG A 396 -40.55 -4.52 31.26
N PRO A 397 -40.66 -4.25 32.58
CA PRO A 397 -41.16 -2.96 33.04
C PRO A 397 -40.24 -1.77 32.70
N LEU A 398 -38.94 -2.04 32.58
CA LEU A 398 -37.94 -1.02 32.24
C LEU A 398 -38.13 -0.56 30.79
N MET A 399 -38.37 -1.51 29.89
CA MET A 399 -38.69 -1.22 28.50
C MET A 399 -40.05 -0.54 28.34
N GLY A 400 -41.00 -0.91 29.20
CA GLY A 400 -42.29 -0.22 29.30
C GLY A 400 -42.12 1.24 29.65
N ALA A 401 -41.32 1.50 30.69
CA ALA A 401 -41.01 2.86 31.16
C ALA A 401 -40.32 3.70 30.08
N ILE A 402 -39.36 3.07 29.38
CA ILE A 402 -38.61 3.73 28.29
C ILE A 402 -39.53 4.13 27.13
N ALA A 403 -40.37 3.19 26.69
CA ALA A 403 -41.33 3.46 25.61
C ALA A 403 -42.25 4.61 25.95
N GLU A 404 -42.70 4.67 27.22
CA GLU A 404 -43.58 5.72 27.72
C GLU A 404 -42.88 7.09 27.69
N GLU A 405 -41.64 7.13 28.20
CA GLU A 405 -40.87 8.37 28.34
C GLU A 405 -40.40 8.95 26.99
N PHE A 406 -39.82 8.11 26.14
CA PHE A 406 -39.13 8.56 24.93
C PHE A 406 -39.96 8.47 23.64
N ALA A 407 -41.15 7.87 23.72
CA ALA A 407 -42.12 7.90 22.64
C ALA A 407 -43.36 8.68 23.04
N ASP A 408 -44.15 9.07 22.04
CA ASP A 408 -45.44 9.74 22.23
C ASP A 408 -46.56 8.71 22.35
N VAL A 409 -46.49 7.65 21.52
CA VAL A 409 -47.44 6.55 21.56
C VAL A 409 -46.68 5.23 21.69
N ALA A 410 -46.94 4.51 22.77
CA ALA A 410 -46.38 3.18 23.00
C ALA A 410 -47.43 2.16 22.58
N VAL A 411 -47.07 1.31 21.62
CA VAL A 411 -47.92 0.22 21.18
C VAL A 411 -47.27 -1.10 21.64
N VAL A 412 -47.77 -1.65 22.75
CA VAL A 412 -47.22 -2.87 23.33
C VAL A 412 -47.87 -4.10 22.68
N THR A 413 -47.03 -5.00 22.17
CA THR A 413 -47.50 -6.17 21.44
C THR A 413 -46.63 -7.38 21.78
N ASP A 414 -46.73 -8.44 20.97
CA ASP A 414 -45.96 -9.67 21.16
C ASP A 414 -44.63 -9.65 20.40
N ASP A 415 -43.66 -10.40 20.92
CA ASP A 415 -42.35 -10.61 20.33
C ASP A 415 -41.78 -11.93 20.86
N ASN A 416 -41.95 -13.01 20.10
CA ASN A 416 -41.49 -14.33 20.49
C ASN A 416 -41.98 -14.73 21.87
N PRO A 417 -43.31 -14.87 22.09
CA PRO A 417 -43.83 -15.26 23.40
C PRO A 417 -43.46 -16.69 23.84
N ARG A 418 -43.07 -17.54 22.87
CA ARG A 418 -42.72 -18.95 23.11
C ARG A 418 -43.87 -19.65 23.83
N THR A 419 -43.58 -20.32 24.95
CA THR A 419 -44.59 -21.07 25.71
C THR A 419 -45.30 -20.23 26.77
N GLU A 420 -44.78 -19.03 27.05
CA GLU A 420 -45.37 -18.13 28.05
C GLU A 420 -46.64 -17.47 27.50
N GLU A 421 -47.60 -17.23 28.39
CA GLU A 421 -48.87 -16.61 28.03
C GLU A 421 -48.59 -15.21 27.49
N PRO A 422 -48.89 -14.93 26.20
CA PRO A 422 -48.52 -13.64 25.60
C PRO A 422 -48.96 -12.43 26.41
N ARG A 423 -50.20 -12.44 26.90
CA ARG A 423 -50.74 -11.32 27.67
C ARG A 423 -50.02 -11.06 29.00
N ALA A 424 -49.50 -12.13 29.62
CA ALA A 424 -48.74 -11.99 30.86
C ALA A 424 -47.49 -11.16 30.66
N ILE A 425 -46.80 -11.38 29.53
CA ILE A 425 -45.61 -10.61 29.17
C ILE A 425 -45.98 -9.13 29.03
N ILE A 426 -47.05 -8.86 28.29
CA ILE A 426 -47.57 -7.51 28.09
C ILE A 426 -47.88 -6.82 29.43
N ASN A 427 -48.49 -7.56 30.36
CA ASN A 427 -48.79 -7.05 31.71
C ASN A 427 -47.52 -6.64 32.45
N ASP A 428 -46.46 -7.46 32.36
CA ASP A 428 -45.17 -7.13 32.96
C ASP A 428 -44.56 -5.85 32.37
N ILE A 429 -44.76 -5.65 31.06
CA ILE A 429 -44.31 -4.44 30.38
C ILE A 429 -45.08 -3.23 30.92
N LEU A 430 -46.42 -3.33 30.90
CA LEU A 430 -47.31 -2.26 31.34
C LEU A 430 -47.09 -1.87 32.82
N ALA A 431 -46.68 -2.83 33.64
CA ALA A 431 -46.40 -2.63 35.06
C ALA A 431 -45.36 -1.51 35.32
N GLY A 432 -44.41 -1.36 34.39
CA GLY A 432 -43.35 -0.36 34.52
C GLY A 432 -43.73 1.06 34.14
N MET A 433 -44.93 1.24 33.57
CA MET A 433 -45.40 2.55 33.13
C MET A 433 -46.12 3.30 34.24
N LEU A 434 -46.07 4.64 34.17
CA LEU A 434 -46.80 5.52 35.08
C LEU A 434 -48.27 5.61 34.69
N ASP A 435 -48.55 5.64 33.39
CA ASP A 435 -49.91 5.68 32.87
C ASP A 435 -50.10 4.61 31.81
N ALA A 436 -50.18 3.35 32.26
CA ALA A 436 -50.37 2.19 31.38
C ALA A 436 -51.60 2.35 30.49
N GLY A 437 -52.63 3.02 31.03
CA GLY A 437 -53.84 3.34 30.31
C GLY A 437 -53.62 4.12 29.02
N HIS A 438 -52.57 4.96 29.02
CA HIS A 438 -52.17 5.75 27.85
C HIS A 438 -51.53 4.90 26.74
N ALA A 439 -50.99 3.73 27.10
CA ALA A 439 -50.41 2.81 26.13
C ALA A 439 -51.50 2.10 25.33
N LYS A 440 -51.20 1.79 24.06
CA LYS A 440 -52.04 0.95 23.22
C LYS A 440 -51.52 -0.46 23.33
N VAL A 441 -52.42 -1.41 23.54
CA VAL A 441 -52.07 -2.81 23.56
C VAL A 441 -52.77 -3.47 22.38
N MET A 442 -51.99 -4.15 21.55
CA MET A 442 -52.55 -4.96 20.49
C MET A 442 -51.75 -6.21 20.27
N GLU A 443 -52.44 -7.35 20.34
CA GLU A 443 -51.83 -8.64 20.16
C GLU A 443 -52.14 -9.16 18.78
N GLY A 444 -51.21 -10.00 18.29
CA GLY A 444 -50.93 -10.15 16.89
C GLY A 444 -49.96 -9.00 16.65
N ARG A 445 -48.68 -9.33 16.46
CA ARG A 445 -47.65 -8.33 16.22
C ARG A 445 -47.90 -7.58 14.93
N ALA A 446 -48.22 -8.33 13.87
CA ALA A 446 -48.53 -7.76 12.56
C ALA A 446 -49.68 -6.74 12.67
N GLU A 447 -50.72 -7.09 13.43
CA GLU A 447 -51.87 -6.21 13.67
C GLU A 447 -51.44 -4.92 14.38
N ALA A 448 -50.55 -5.06 15.37
CA ALA A 448 -50.01 -3.93 16.13
C ALA A 448 -49.21 -2.98 15.24
N VAL A 449 -48.35 -3.57 14.39
CA VAL A 449 -47.56 -2.80 13.45
C VAL A 449 -48.49 -2.06 12.49
N THR A 450 -49.47 -2.79 11.96
CA THR A 450 -50.48 -2.21 11.05
C THR A 450 -51.22 -1.05 11.70
N CYS A 451 -51.58 -1.21 12.98
CA CYS A 451 -52.26 -0.18 13.74
C CYS A 451 -51.47 1.13 13.78
N ALA A 452 -50.20 1.03 14.17
CA ALA A 452 -49.30 2.18 14.24
C ALA A 452 -49.15 2.84 12.88
N VAL A 453 -48.82 2.04 11.87
CA VAL A 453 -48.49 2.54 10.54
C VAL A 453 -49.69 3.22 9.86
N MET A 454 -50.87 2.60 10.00
CA MET A 454 -52.08 3.11 9.35
C MET A 454 -52.67 4.33 10.07
N GLN A 455 -52.45 4.44 11.38
CA GLN A 455 -52.98 5.58 12.16
C GLN A 455 -52.02 6.75 12.24
N ALA A 456 -50.71 6.49 12.13
CA ALA A 456 -49.71 7.53 12.22
C ALA A 456 -49.82 8.52 11.06
N LYS A 457 -49.56 9.79 11.35
CA LYS A 457 -49.59 10.87 10.36
C LYS A 457 -48.36 10.83 9.46
N GLU A 458 -48.42 11.61 8.36
CA GLU A 458 -47.38 11.63 7.34
C GLU A 458 -46.01 12.05 7.87
N ASN A 459 -46.01 12.94 8.88
CA ASN A 459 -44.78 13.41 9.50
C ASN A 459 -44.49 12.78 10.88
N ASP A 460 -45.13 11.64 11.14
CA ASP A 460 -44.83 10.84 12.33
C ASP A 460 -43.74 9.86 11.97
N VAL A 461 -43.13 9.27 13.01
CA VAL A 461 -42.17 8.20 12.84
C VAL A 461 -42.64 7.03 13.70
N VAL A 462 -42.69 5.84 13.12
CA VAL A 462 -43.01 4.60 13.83
C VAL A 462 -41.74 3.74 13.95
N LEU A 463 -41.25 3.57 15.19
CA LEU A 463 -40.16 2.64 15.48
C LEU A 463 -40.80 1.29 15.77
N VAL A 464 -40.41 0.27 15.00
CA VAL A 464 -40.79 -1.12 15.23
C VAL A 464 -39.53 -1.83 15.75
N ALA A 465 -39.53 -2.11 17.06
CA ALA A 465 -38.35 -2.58 17.78
C ALA A 465 -38.48 -4.05 18.19
N GLY A 466 -37.34 -4.76 18.19
CA GLY A 466 -37.20 -6.05 18.85
C GLY A 466 -36.61 -7.17 18.02
N LYS A 467 -36.81 -7.10 16.70
CA LYS A 467 -36.48 -8.20 15.80
C LYS A 467 -35.42 -7.83 14.78
N GLY A 468 -35.56 -6.61 14.22
CA GLY A 468 -34.74 -6.14 13.13
C GLY A 468 -34.82 -7.09 11.96
N HIS A 469 -33.73 -7.84 11.74
CA HIS A 469 -33.58 -8.80 10.66
C HIS A 469 -34.09 -10.21 11.00
N GLU A 470 -34.33 -10.48 12.30
CA GLU A 470 -34.73 -11.81 12.78
C GLU A 470 -36.16 -12.14 12.36
N ASP A 471 -36.31 -12.71 11.15
CA ASP A 471 -37.61 -12.87 10.50
C ASP A 471 -38.34 -14.18 10.85
N TYR A 472 -38.77 -14.26 12.11
CA TYR A 472 -39.63 -15.31 12.63
C TYR A 472 -40.34 -14.81 13.89
N GLN A 473 -41.46 -15.45 14.22
CA GLN A 473 -42.17 -15.26 15.49
C GLN A 473 -42.25 -16.63 16.13
N ILE A 474 -41.56 -16.82 17.27
CA ILE A 474 -41.64 -18.07 18.00
C ILE A 474 -42.87 -18.02 18.92
N VAL A 475 -43.94 -18.71 18.49
CA VAL A 475 -45.18 -18.84 19.25
C VAL A 475 -45.38 -20.31 19.57
N GLY A 476 -45.38 -20.63 20.87
CA GLY A 476 -45.35 -22.01 21.34
C GLY A 476 -44.01 -22.62 21.00
N ASN A 477 -44.06 -23.68 20.17
CA ASN A 477 -42.88 -24.38 19.68
C ASN A 477 -42.57 -24.08 18.20
N GLN A 478 -43.39 -23.22 17.59
CA GLN A 478 -43.29 -22.89 16.16
C GLN A 478 -42.51 -21.62 15.87
N ARG A 479 -41.49 -21.73 15.01
CA ARG A 479 -40.90 -20.56 14.34
C ARG A 479 -41.75 -20.29 13.11
N LEU A 480 -42.82 -19.52 13.30
CA LEU A 480 -43.72 -19.13 12.22
C LEU A 480 -43.05 -18.03 11.41
N ASP A 481 -43.24 -18.10 10.09
CA ASP A 481 -42.68 -17.11 9.16
C ASP A 481 -43.35 -15.76 9.38
N TYR A 482 -42.54 -14.77 9.75
CA TYR A 482 -42.99 -13.42 9.99
C TYR A 482 -41.79 -12.50 9.90
N SER A 483 -42.00 -11.32 9.32
CA SER A 483 -40.94 -10.32 9.21
C SER A 483 -41.52 -8.94 9.41
N ASP A 484 -40.97 -8.19 10.37
CA ASP A 484 -41.27 -6.79 10.56
C ASP A 484 -41.04 -6.02 9.25
N ARG A 485 -39.86 -6.22 8.65
CA ARG A 485 -39.44 -5.53 7.44
C ARG A 485 -40.44 -5.74 6.30
N VAL A 486 -40.87 -7.00 6.11
CA VAL A 486 -41.83 -7.37 5.09
C VAL A 486 -43.21 -6.79 5.38
N THR A 487 -43.61 -6.82 6.65
CA THR A 487 -44.91 -6.31 7.05
C THR A 487 -44.96 -4.80 6.79
N VAL A 488 -43.92 -4.09 7.24
CA VAL A 488 -43.79 -2.65 7.08
C VAL A 488 -43.77 -2.26 5.60
N ALA A 489 -42.94 -2.96 4.81
CA ALA A 489 -42.81 -2.71 3.38
C ALA A 489 -44.15 -2.84 2.66
N ARG A 490 -44.89 -3.91 2.98
CA ARG A 490 -46.19 -4.18 2.39
C ARG A 490 -47.20 -3.07 2.72
N LEU A 491 -47.19 -2.59 3.97
CA LEU A 491 -48.08 -1.54 4.42
C LEU A 491 -47.79 -0.21 3.75
N LEU A 492 -46.51 0.08 3.52
CA LEU A 492 -46.08 1.33 2.91
C LEU A 492 -46.16 1.30 1.38
N GLY A 493 -46.33 0.12 0.79
CA GLY A 493 -46.37 -0.07 -0.65
C GLY A 493 -44.99 -0.09 -1.30
N VAL A 494 -43.98 -0.51 -0.53
CA VAL A 494 -42.59 -0.56 -0.99
C VAL A 494 -42.05 -2.00 -0.89
N ILE A 495 -40.80 -2.19 -1.31
CA ILE A 495 -40.13 -3.48 -1.28
C ILE A 495 -39.12 -3.52 -0.14
N ALA A 496 -39.25 -4.51 0.74
CA ALA A 496 -38.33 -4.75 1.83
C ALA A 496 -36.98 -5.17 1.24
N ARG B 5 -14.19 6.07 -19.35
CA ARG B 5 -13.55 7.42 -19.24
C ARG B 5 -14.51 8.52 -19.71
N ASN B 6 -14.83 9.44 -18.79
CA ASN B 6 -15.80 10.50 -19.02
C ASN B 6 -15.24 11.83 -18.52
N LEU B 7 -15.37 12.87 -19.37
CA LEU B 7 -14.89 14.21 -19.06
C LEU B 7 -15.43 14.72 -17.72
N ARG B 8 -16.72 14.45 -17.47
CA ARG B 8 -17.40 14.85 -16.24
C ARG B 8 -16.71 14.23 -15.00
N ASP B 9 -16.51 12.91 -15.04
CA ASP B 9 -15.81 12.20 -13.95
C ASP B 9 -14.34 12.60 -13.85
N LEU B 10 -13.67 12.73 -15.00
CA LEU B 10 -12.26 13.15 -15.07
C LEU B 10 -12.03 14.43 -14.27
N LEU B 11 -12.91 15.42 -14.50
CA LEU B 11 -12.76 16.77 -13.93
C LEU B 11 -13.48 17.02 -12.60
N ALA B 12 -14.23 16.02 -12.11
CA ALA B 12 -15.02 16.15 -10.88
C ALA B 12 -14.28 16.77 -9.70
N PRO B 13 -13.03 16.36 -9.38
CA PRO B 13 -12.29 16.97 -8.27
C PRO B 13 -12.00 18.48 -8.43
N TRP B 14 -12.02 18.99 -9.67
CA TRP B 14 -11.57 20.35 -9.98
C TRP B 14 -12.64 21.25 -10.62
N VAL B 15 -13.40 20.68 -11.57
CA VAL B 15 -14.46 21.39 -12.26
C VAL B 15 -15.79 20.65 -12.05
N PRO B 16 -16.64 21.08 -11.09
CA PRO B 16 -17.95 20.45 -10.93
C PRO B 16 -18.86 20.85 -12.09
N ASP B 17 -19.78 19.94 -12.45
CA ASP B 17 -20.72 20.16 -13.55
C ASP B 17 -20.02 20.43 -14.88
N ALA B 18 -18.94 19.70 -15.16
CA ALA B 18 -18.33 19.66 -16.47
C ALA B 18 -19.21 18.78 -17.34
N PRO B 19 -19.33 19.05 -18.66
CA PRO B 19 -20.16 18.21 -19.54
C PRO B 19 -19.81 16.73 -19.48
N SER B 20 -20.79 15.86 -19.75
CA SER B 20 -20.58 14.42 -19.82
C SER B 20 -20.27 14.00 -21.25
N ARG B 21 -19.06 13.46 -21.45
CA ARG B 21 -18.56 13.00 -22.75
C ARG B 21 -17.64 11.81 -22.58
N ALA B 22 -17.88 10.77 -23.38
CA ALA B 22 -17.00 9.62 -23.45
C ALA B 22 -15.70 10.04 -24.11
N LEU B 23 -14.56 9.61 -23.54
CA LEU B 23 -13.24 9.96 -24.03
C LEU B 23 -12.45 8.68 -24.34
N ARG B 24 -11.78 8.67 -25.50
CA ARG B 24 -10.90 7.57 -25.89
C ARG B 24 -9.55 7.71 -25.21
N GLU B 25 -8.60 8.38 -25.89
CA GLU B 25 -7.25 8.60 -25.38
C GLU B 25 -7.06 10.06 -24.99
N MET B 26 -5.97 10.31 -24.26
CA MET B 26 -5.57 11.66 -23.85
C MET B 26 -4.28 11.96 -24.57
N THR B 27 -4.24 13.10 -25.28
CA THR B 27 -3.10 13.47 -26.11
C THR B 27 -2.81 14.98 -26.09
N LEU B 28 -1.52 15.32 -26.10
CA LEU B 28 -1.02 16.69 -26.21
C LEU B 28 -0.75 17.07 -27.66
N ASP B 29 -0.66 16.06 -28.53
CA ASP B 29 -0.28 16.25 -29.92
C ASP B 29 -1.50 16.23 -30.84
N SER B 30 -1.88 17.42 -31.32
CA SER B 30 -3.03 17.60 -32.21
C SER B 30 -2.92 16.81 -33.51
N ARG B 31 -1.69 16.47 -33.92
CA ARG B 31 -1.44 15.67 -35.12
C ARG B 31 -2.08 14.28 -35.02
N VAL B 32 -1.86 13.60 -33.89
CA VAL B 32 -2.39 12.25 -33.67
C VAL B 32 -3.75 12.23 -32.98
N ALA B 33 -4.25 13.41 -32.60
CA ALA B 33 -5.54 13.55 -31.91
C ALA B 33 -6.68 13.10 -32.81
N ALA B 34 -7.05 11.81 -32.69
CA ALA B 34 -8.13 11.21 -33.47
C ALA B 34 -9.51 11.55 -32.90
N ALA B 35 -10.56 11.01 -33.52
CA ALA B 35 -11.94 11.20 -33.08
C ALA B 35 -12.16 10.54 -31.72
N GLY B 36 -12.95 11.21 -30.86
CA GLY B 36 -13.28 10.72 -29.54
C GLY B 36 -12.25 11.00 -28.45
N ASP B 37 -11.05 11.47 -28.84
CA ASP B 37 -9.95 11.74 -27.92
C ASP B 37 -10.18 13.00 -27.08
N LEU B 38 -9.40 13.11 -25.99
CA LEU B 38 -9.28 14.32 -25.20
C LEU B 38 -7.96 14.96 -25.60
N PHE B 39 -8.06 16.13 -26.23
CA PHE B 39 -6.88 16.91 -26.61
C PHE B 39 -6.58 17.88 -25.48
N VAL B 40 -5.30 17.94 -25.09
CA VAL B 40 -4.85 18.84 -24.02
C VAL B 40 -3.87 19.85 -24.61
N ALA B 41 -4.23 21.13 -24.54
CA ALA B 41 -3.50 22.22 -25.17
C ALA B 41 -2.66 22.94 -24.13
N VAL B 42 -1.35 22.67 -24.15
CA VAL B 42 -0.40 23.18 -23.15
C VAL B 42 0.54 24.23 -23.74
N VAL B 43 0.91 25.20 -22.91
CA VAL B 43 1.89 26.23 -23.26
C VAL B 43 3.27 25.73 -22.87
N GLY B 44 4.18 25.72 -23.85
CA GLY B 44 5.58 25.39 -23.64
C GLY B 44 6.48 26.62 -23.79
N ALA B 47 6.42 26.89 -27.80
CA ALA B 47 5.21 26.52 -28.53
C ALA B 47 3.97 26.55 -27.63
N ASP B 48 2.82 26.85 -28.24
CA ASP B 48 1.53 26.98 -27.55
C ASP B 48 0.48 26.08 -28.21
N GLY B 49 0.11 25.01 -27.50
CA GLY B 49 -0.86 24.03 -27.98
C GLY B 49 -2.25 24.55 -28.32
N ARG B 50 -2.62 25.68 -27.71
CA ARG B 50 -3.92 26.32 -27.95
C ARG B 50 -4.09 26.80 -29.39
N ARG B 51 -2.96 27.01 -30.09
CA ARG B 51 -2.96 27.32 -31.52
C ARG B 51 -3.70 26.25 -32.30
N TYR B 52 -3.49 24.98 -31.93
CA TYR B 52 -4.00 23.82 -32.65
C TYR B 52 -5.39 23.35 -32.21
N ILE B 53 -6.15 24.22 -31.52
CA ILE B 53 -7.50 23.89 -31.08
C ILE B 53 -8.46 23.67 -32.24
N PRO B 54 -8.55 24.60 -33.24
CA PRO B 54 -9.43 24.39 -34.39
C PRO B 54 -9.10 23.12 -35.18
N GLN B 55 -7.80 22.80 -35.30
CA GLN B 55 -7.34 21.58 -35.96
C GLN B 55 -7.84 20.32 -35.24
N ALA B 56 -7.65 20.28 -33.92
CA ALA B 56 -8.09 19.18 -33.07
C ALA B 56 -9.60 18.97 -33.18
N ILE B 57 -10.36 20.07 -33.06
CA ILE B 57 -11.82 20.06 -33.27
C ILE B 57 -12.19 19.52 -34.65
N ALA B 58 -11.41 19.89 -35.67
CA ALA B 58 -11.61 19.46 -37.05
C ALA B 58 -11.36 17.96 -37.23
N GLN B 59 -10.45 17.39 -36.42
CA GLN B 59 -10.18 15.95 -36.41
C GLN B 59 -11.15 15.17 -35.50
N GLY B 60 -12.08 15.88 -34.87
CA GLY B 60 -13.21 15.29 -34.16
C GLY B 60 -12.98 14.84 -32.73
N VAL B 61 -12.04 15.51 -32.04
CA VAL B 61 -11.79 15.25 -30.62
C VAL B 61 -13.09 15.46 -29.84
N ALA B 62 -13.28 14.62 -28.81
CA ALA B 62 -14.48 14.67 -27.96
C ALA B 62 -14.52 15.90 -27.06
N ALA B 63 -13.34 16.33 -26.60
CA ALA B 63 -13.23 17.47 -25.68
C ALA B 63 -11.80 17.99 -25.62
N ILE B 64 -11.64 19.17 -25.04
CA ILE B 64 -10.35 19.83 -24.92
C ILE B 64 -10.16 20.44 -23.54
N ILE B 65 -8.95 20.26 -22.99
CA ILE B 65 -8.52 20.92 -21.76
C ILE B 65 -7.33 21.83 -22.13
N ALA B 66 -7.44 23.12 -21.81
CA ALA B 66 -6.50 24.15 -22.27
C ALA B 66 -6.00 25.05 -21.14
N GLU B 67 -4.76 25.52 -21.27
CA GLU B 67 -4.15 26.46 -20.32
C GLU B 67 -4.98 27.73 -20.25
N ALA B 68 -5.32 28.15 -19.02
CA ALA B 68 -6.20 29.29 -18.78
C ALA B 68 -5.48 30.64 -18.88
N LYS B 69 -4.15 30.62 -18.72
CA LYS B 69 -3.33 31.83 -18.67
C LYS B 69 -3.68 32.81 -19.80
N ASP B 70 -4.10 34.02 -19.43
CA ASP B 70 -4.43 35.13 -20.35
C ASP B 70 -5.75 34.96 -21.12
N GLU B 71 -6.13 33.71 -21.38
CA GLU B 71 -7.28 33.38 -22.21
C GLU B 71 -8.58 33.15 -21.43
N ALA B 72 -8.47 32.80 -20.14
CA ALA B 72 -9.62 32.37 -19.34
C ALA B 72 -9.32 32.25 -17.84
N THR B 73 -10.38 32.07 -17.05
CA THR B 73 -10.29 31.78 -15.63
C THR B 73 -10.23 30.26 -15.41
N ASP B 74 -9.80 29.85 -14.21
CA ASP B 74 -9.65 28.44 -13.87
C ASP B 74 -11.01 27.76 -13.78
N GLY B 75 -11.12 26.59 -14.42
CA GLY B 75 -12.37 25.83 -14.47
C GLY B 75 -13.43 26.43 -15.37
N GLU B 76 -13.03 27.34 -16.26
CA GLU B 76 -13.94 27.99 -17.20
C GLU B 76 -14.31 27.00 -18.30
N ILE B 77 -15.62 26.75 -18.42
CA ILE B 77 -16.18 25.82 -19.40
C ILE B 77 -16.68 26.61 -20.61
N ARG B 78 -16.07 26.36 -21.78
CA ARG B 78 -16.48 26.95 -23.04
C ARG B 78 -16.86 25.86 -24.03
N GLU B 79 -17.32 26.29 -25.22
CA GLU B 79 -18.04 25.43 -26.17
C GLU B 79 -17.80 25.93 -27.59
N MET B 80 -16.93 25.22 -28.33
CA MET B 80 -16.54 25.58 -29.70
C MET B 80 -16.88 24.45 -30.68
N HIS B 81 -17.82 24.74 -31.61
CA HIS B 81 -18.27 23.80 -32.65
C HIS B 81 -18.78 22.48 -32.06
N GLY B 82 -19.52 22.58 -30.95
CA GLY B 82 -20.09 21.44 -30.27
C GLY B 82 -19.15 20.73 -29.29
N VAL B 83 -17.87 21.12 -29.28
CA VAL B 83 -16.84 20.46 -28.49
C VAL B 83 -16.55 21.25 -27.21
N PRO B 84 -16.55 20.62 -26.02
CA PRO B 84 -16.19 21.32 -24.78
C PRO B 84 -14.72 21.72 -24.73
N VAL B 85 -14.47 22.98 -24.34
CA VAL B 85 -13.14 23.48 -24.08
C VAL B 85 -13.13 23.97 -22.63
N ILE B 86 -12.45 23.21 -21.76
CA ILE B 86 -12.34 23.52 -20.35
C ILE B 86 -10.96 24.09 -20.08
N TYR B 87 -10.92 25.29 -19.48
CA TYR B 87 -9.67 25.97 -19.20
C TYR B 87 -9.28 25.78 -17.74
N LEU B 88 -7.99 25.44 -17.54
CA LEU B 88 -7.43 25.22 -16.22
C LEU B 88 -6.14 26.03 -16.12
N SER B 89 -5.98 26.74 -14.99
N SER B 89 -5.98 26.74 -14.99
CA SER B 89 -4.76 27.49 -14.71
C SER B 89 -3.67 26.51 -14.25
N GLN B 90 -2.42 26.82 -14.60
CA GLN B 90 -1.25 26.02 -14.27
C GLN B 90 -1.38 24.57 -14.73
N LEU B 91 -1.82 24.39 -15.98
CA LEU B 91 -2.10 23.07 -16.55
C LEU B 91 -0.86 22.17 -16.56
N ASN B 92 0.32 22.76 -16.81
CA ASN B 92 1.58 22.01 -16.80
C ASN B 92 1.83 21.33 -15.46
N GLU B 93 1.56 22.06 -14.36
CA GLU B 93 1.73 21.57 -13.00
C GLU B 93 0.72 20.48 -12.63
N ARG B 94 -0.44 20.48 -13.30
CA ARG B 94 -1.56 19.61 -12.96
C ARG B 94 -1.78 18.47 -13.94
N LEU B 95 -1.00 18.45 -15.02
CA LEU B 95 -1.17 17.46 -16.07
C LEU B 95 -0.97 16.03 -15.55
N SER B 96 0.02 15.86 -14.67
CA SER B 96 0.28 14.56 -14.06
C SER B 96 -0.96 14.05 -13.29
N ALA B 97 -1.54 14.93 -12.45
CA ALA B 97 -2.74 14.59 -11.68
C ALA B 97 -3.92 14.27 -12.60
N LEU B 98 -4.08 15.08 -13.65
CA LEU B 98 -5.14 14.93 -14.62
C LEU B 98 -5.04 13.59 -15.31
N ALA B 99 -3.85 13.28 -15.83
CA ALA B 99 -3.55 12.02 -16.51
C ALA B 99 -3.64 10.81 -15.56
N GLY B 100 -3.16 10.97 -14.33
CA GLY B 100 -3.30 9.96 -13.28
C GLY B 100 -4.74 9.51 -13.11
N ARG B 101 -5.65 10.49 -12.98
CA ARG B 101 -7.07 10.21 -12.84
C ARG B 101 -7.63 9.53 -14.08
N PHE B 102 -7.24 10.03 -15.27
CA PHE B 102 -7.65 9.48 -16.56
C PHE B 102 -7.27 8.00 -16.72
N TYR B 103 -6.05 7.64 -16.30
CA TYR B 103 -5.53 6.28 -16.43
C TYR B 103 -5.69 5.42 -15.16
N HIS B 104 -6.63 5.81 -14.31
CA HIS B 104 -7.05 5.05 -13.13
C HIS B 104 -5.95 4.86 -12.08
N GLU B 105 -5.21 5.94 -11.85
CA GLU B 105 -4.22 6.04 -10.78
C GLU B 105 -3.29 4.82 -10.72
N PRO B 106 -2.47 4.59 -11.77
CA PRO B 106 -1.62 3.40 -11.82
C PRO B 106 -0.58 3.29 -10.68
N SER B 107 -0.12 4.41 -10.12
CA SER B 107 0.86 4.35 -9.03
C SER B 107 0.25 3.93 -7.66
N ASP B 108 -1.08 3.94 -7.56
CA ASP B 108 -1.83 3.42 -6.41
C ASP B 108 -2.12 1.92 -6.56
N ASN B 109 -1.81 1.36 -7.74
CA ASN B 109 -2.10 -0.03 -8.07
C ASN B 109 -0.85 -0.86 -8.35
N LEU B 110 0.31 -0.32 -7.96
CA LEU B 110 1.55 -1.07 -7.82
C LEU B 110 2.49 -0.33 -6.86
N ARG B 111 3.59 -0.98 -6.48
CA ARG B 111 4.61 -0.36 -5.64
C ARG B 111 5.61 0.35 -6.55
N LEU B 112 5.57 1.69 -6.55
CA LEU B 112 6.40 2.52 -7.40
C LEU B 112 7.55 3.08 -6.58
N VAL B 113 8.78 2.77 -7.00
CA VAL B 113 9.97 3.33 -6.38
C VAL B 113 10.71 4.21 -7.38
N GLY B 114 10.98 5.45 -6.96
CA GLY B 114 11.65 6.44 -7.78
C GLY B 114 13.09 6.61 -7.34
N VAL B 115 14.00 6.66 -8.32
CA VAL B 115 15.43 6.81 -8.06
C VAL B 115 15.90 8.10 -8.75
N THR B 116 16.51 9.01 -7.96
CA THR B 116 17.04 10.29 -8.45
C THR B 116 18.54 10.38 -8.12
N GLY B 117 19.24 11.20 -8.91
CA GLY B 117 20.68 11.41 -8.78
C GLY B 117 21.42 11.28 -10.09
N THR B 118 22.72 11.56 -10.06
CA THR B 118 23.55 11.57 -11.27
C THR B 118 24.01 10.17 -11.61
N ASN B 119 24.79 9.58 -10.69
CA ASN B 119 25.36 8.24 -10.85
C ASN B 119 24.46 7.16 -10.26
N GLY B 120 24.57 5.94 -10.81
CA GLY B 120 23.97 4.76 -10.25
C GLY B 120 22.46 4.66 -10.28
N LYS B 121 21.79 5.61 -10.95
CA LYS B 121 20.33 5.59 -11.11
C LYS B 121 19.90 4.33 -11.83
N THR B 122 20.56 4.05 -12.96
CA THR B 122 20.15 2.97 -13.83
C THR B 122 20.35 1.64 -13.11
N THR B 123 21.53 1.46 -12.52
CA THR B 123 21.89 0.23 -11.80
C THR B 123 20.94 0.01 -10.62
N THR B 124 20.77 1.03 -9.79
CA THR B 124 19.91 0.95 -8.61
C THR B 124 18.47 0.62 -8.99
N THR B 125 17.96 1.30 -10.02
N THR B 125 17.93 1.29 -10.02
CA THR B 125 16.65 1.03 -10.60
CA THR B 125 16.60 0.98 -10.54
C THR B 125 16.51 -0.43 -11.02
C THR B 125 16.51 -0.47 -11.00
N GLN B 126 17.53 -0.94 -11.73
CA GLN B 126 17.54 -2.32 -12.23
C GLN B 126 17.61 -3.32 -11.08
N LEU B 127 18.42 -3.03 -10.06
CA LEU B 127 18.54 -3.91 -8.90
C LEU B 127 17.24 -3.98 -8.11
N LEU B 128 16.54 -2.84 -7.99
CA LEU B 128 15.25 -2.78 -7.33
C LEU B 128 14.26 -3.70 -8.02
N ALA B 129 14.18 -3.58 -9.35
CA ALA B 129 13.27 -4.40 -10.15
C ALA B 129 13.61 -5.89 -10.06
N GLN B 130 14.92 -6.21 -10.18
CA GLN B 130 15.41 -7.58 -10.08
C GLN B 130 15.09 -8.22 -8.73
N TRP B 131 15.43 -7.50 -7.65
CA TRP B 131 15.36 -8.03 -6.29
C TRP B 131 13.89 -8.25 -5.89
N SER B 132 13.06 -7.24 -6.16
CA SER B 132 11.63 -7.32 -5.89
C SER B 132 11.01 -8.52 -6.61
N GLN B 133 11.42 -8.76 -7.87
CA GLN B 133 10.89 -9.88 -8.65
C GLN B 133 11.32 -11.24 -8.11
N LEU B 134 12.58 -11.34 -7.68
CA LEU B 134 13.09 -12.50 -6.96
C LEU B 134 12.30 -12.79 -5.67
N LEU B 135 11.70 -11.75 -5.10
CA LEU B 135 10.88 -11.88 -3.89
C LEU B 135 9.41 -12.14 -4.18
N GLY B 136 9.05 -12.30 -5.46
CA GLY B 136 7.69 -12.67 -5.86
C GLY B 136 6.89 -11.66 -6.68
N GLU B 137 7.39 -10.42 -6.78
CA GLU B 137 6.71 -9.38 -7.55
C GLU B 137 6.82 -9.66 -9.05
N ILE B 138 5.90 -9.06 -9.83
CA ILE B 138 6.07 -8.97 -11.28
C ILE B 138 6.56 -7.53 -11.49
N SER B 139 7.86 -7.40 -11.78
CA SER B 139 8.53 -6.12 -11.74
C SER B 139 8.73 -5.49 -13.13
N ALA B 140 8.84 -4.16 -13.14
CA ALA B 140 9.01 -3.39 -14.35
C ALA B 140 9.98 -2.26 -14.08
N VAL B 141 10.51 -1.68 -15.16
CA VAL B 141 11.38 -0.52 -15.07
C VAL B 141 10.88 0.55 -16.02
N MET B 142 11.09 1.80 -15.61
CA MET B 142 10.82 2.96 -16.42
C MET B 142 12.00 3.91 -16.30
N GLY B 143 12.43 4.43 -17.44
CA GLY B 143 13.36 5.54 -17.53
C GLY B 143 13.25 6.16 -18.92
N THR B 144 14.07 7.18 -19.18
CA THR B 144 14.23 7.78 -20.51
C THR B 144 14.84 6.78 -21.53
N VAL B 145 15.73 5.91 -21.02
CA VAL B 145 16.27 4.76 -21.75
C VAL B 145 15.18 3.85 -22.34
N GLY B 146 14.26 3.38 -21.49
CA GLY B 146 13.24 2.40 -21.88
C GLY B 146 12.25 2.09 -20.78
N ASN B 147 11.10 1.51 -21.18
CA ASN B 147 10.05 1.06 -20.28
C ASN B 147 9.65 -0.37 -20.59
N GLY B 148 9.27 -1.13 -19.55
CA GLY B 148 8.69 -2.45 -19.74
C GLY B 148 8.85 -3.36 -18.54
N LEU B 149 8.20 -4.53 -18.61
CA LEU B 149 8.42 -5.60 -17.65
C LEU B 149 9.89 -5.97 -17.69
N LEU B 150 10.40 -6.47 -16.57
CA LEU B 150 11.79 -6.87 -16.44
C LEU B 150 12.15 -7.88 -17.54
N GLY B 151 13.21 -7.58 -18.29
CA GLY B 151 13.66 -8.41 -19.40
C GLY B 151 12.95 -8.19 -20.72
N LYS B 152 11.97 -7.27 -20.74
CA LYS B 152 11.24 -6.90 -21.96
C LYS B 152 11.08 -5.39 -22.05
N VAL B 153 12.20 -4.68 -21.88
CA VAL B 153 12.22 -3.21 -21.92
C VAL B 153 12.20 -2.72 -23.36
N ILE B 154 11.16 -1.94 -23.68
CA ILE B 154 10.93 -1.38 -25.01
C ILE B 154 11.55 0.01 -25.05
N PRO B 155 12.45 0.31 -26.01
CA PRO B 155 13.01 1.66 -26.15
C PRO B 155 11.98 2.72 -26.53
N GLY B 161 8.60 12.73 -23.82
CA GLY B 161 8.02 12.04 -22.68
C GLY B 161 7.35 12.97 -21.69
N SER B 162 6.05 13.21 -21.88
CA SER B 162 5.28 14.15 -21.06
C SER B 162 4.73 13.50 -19.80
N ALA B 163 4.12 14.32 -18.93
CA ALA B 163 3.40 13.84 -17.76
C ALA B 163 2.30 12.85 -18.14
N VAL B 164 1.69 13.04 -19.30
CA VAL B 164 0.67 12.13 -19.82
C VAL B 164 1.27 10.78 -20.20
N ASP B 165 2.42 10.81 -20.90
CA ASP B 165 3.12 9.59 -21.32
C ASP B 165 3.54 8.73 -20.12
N VAL B 166 4.06 9.39 -19.08
CA VAL B 166 4.47 8.71 -17.85
C VAL B 166 3.30 7.94 -17.26
N GLN B 167 2.17 8.61 -17.06
CA GLN B 167 0.98 7.99 -16.48
C GLN B 167 0.46 6.88 -17.38
N HIS B 168 0.44 7.16 -18.69
CA HIS B 168 -0.02 6.23 -19.72
C HIS B 168 0.79 4.91 -19.71
N GLU B 169 2.12 5.03 -19.71
CA GLU B 169 3.02 3.89 -19.72
C GLU B 169 2.90 3.07 -18.43
N LEU B 170 2.81 3.76 -17.30
CA LEU B 170 2.66 3.10 -16.00
C LEU B 170 1.36 2.30 -15.95
N ALA B 171 0.29 2.86 -16.53
CA ALA B 171 -0.99 2.17 -16.67
C ALA B 171 -0.90 0.95 -17.57
N GLY B 172 -0.06 1.06 -18.62
CA GLY B 172 0.23 -0.06 -19.51
C GLY B 172 0.90 -1.22 -18.78
N LEU B 173 1.86 -0.87 -17.91
CA LEU B 173 2.55 -1.85 -17.07
C LEU B 173 1.59 -2.50 -16.06
N VAL B 174 0.71 -1.69 -15.46
CA VAL B 174 -0.31 -2.20 -14.55
C VAL B 174 -1.14 -3.26 -15.27
N ASP B 175 -1.56 -2.96 -16.51
CA ASP B 175 -2.35 -3.85 -17.35
C ASP B 175 -1.66 -5.15 -17.70
N GLN B 176 -0.32 -5.10 -17.84
CA GLN B 176 0.48 -6.29 -18.09
C GLN B 176 0.76 -7.13 -16.84
N GLY B 177 0.26 -6.67 -15.68
CA GLY B 177 0.31 -7.40 -14.43
C GLY B 177 1.40 -6.99 -13.45
N ALA B 178 2.10 -5.91 -13.79
CA ALA B 178 3.19 -5.41 -12.96
C ALA B 178 2.66 -5.00 -11.59
N THR B 179 3.33 -5.49 -10.54
CA THR B 179 3.02 -5.15 -9.14
C THR B 179 4.08 -4.25 -8.51
N PHE B 180 5.19 -4.06 -9.24
CA PHE B 180 6.33 -3.29 -8.77
C PHE B 180 6.96 -2.59 -9.98
N CYS B 181 7.31 -1.32 -9.80
CA CYS B 181 8.00 -0.58 -10.84
C CYS B 181 9.07 0.30 -10.24
N ALA B 182 10.30 0.14 -10.75
CA ALA B 182 11.43 0.99 -10.41
C ALA B 182 11.60 2.00 -11.53
N MET B 183 11.49 3.28 -11.19
CA MET B 183 11.51 4.37 -12.15
C MET B 183 12.71 5.28 -11.92
N GLU B 184 13.54 5.46 -12.97
CA GLU B 184 14.56 6.50 -13.01
C GLU B 184 13.85 7.80 -13.21
N VAL B 185 14.06 8.76 -12.29
CA VAL B 185 13.52 10.09 -12.43
C VAL B 185 14.64 11.07 -12.81
N SER B 186 14.59 11.57 -14.06
CA SER B 186 15.56 12.56 -14.55
C SER B 186 15.33 13.89 -13.85
N SER B 187 16.44 14.57 -13.54
CA SER B 187 16.39 15.88 -12.88
C SER B 187 15.43 16.83 -13.61
N HIS B 188 15.45 16.76 -14.95
CA HIS B 188 14.62 17.59 -15.81
C HIS B 188 13.15 17.20 -15.76
N GLY B 189 12.87 15.89 -15.72
CA GLY B 189 11.54 15.36 -15.57
C GLY B 189 10.84 15.87 -14.32
N LEU B 190 11.58 15.92 -13.21
CA LEU B 190 11.05 16.37 -11.93
C LEU B 190 10.68 17.85 -11.99
N VAL B 191 11.63 18.67 -12.46
CA VAL B 191 11.44 20.12 -12.58
C VAL B 191 10.25 20.48 -13.48
N GLN B 192 10.05 19.70 -14.55
CA GLN B 192 8.94 19.92 -15.50
C GLN B 192 7.63 19.24 -15.10
N HIS B 193 7.56 18.75 -13.85
CA HIS B 193 6.33 18.21 -13.26
C HIS B 193 5.79 16.97 -13.96
N ARG B 194 6.70 16.18 -14.55
CA ARG B 194 6.36 14.96 -15.27
C ARG B 194 6.02 13.77 -14.38
N VAL B 195 6.40 13.84 -13.09
CA VAL B 195 6.04 12.82 -12.11
C VAL B 195 5.32 13.42 -10.90
N ALA B 196 4.76 14.62 -11.09
CA ALA B 196 4.19 15.42 -9.99
C ALA B 196 3.12 14.69 -9.15
N ALA B 197 2.27 13.88 -9.80
CA ALA B 197 1.13 13.26 -9.12
C ALA B 197 1.30 11.77 -8.83
N LEU B 198 2.52 11.25 -9.04
CA LEU B 198 2.80 9.84 -8.83
C LEU B 198 2.96 9.57 -7.34
N LYS B 199 2.28 8.52 -6.87
CA LYS B 199 2.42 8.08 -5.48
C LYS B 199 3.60 7.12 -5.39
N PHE B 200 4.77 7.68 -5.06
CA PHE B 200 5.97 6.91 -4.83
C PHE B 200 5.90 6.25 -3.47
N ALA B 201 6.04 4.92 -3.44
CA ALA B 201 6.21 4.15 -2.21
C ALA B 201 7.53 4.50 -1.54
N ALA B 202 8.56 4.74 -2.37
CA ALA B 202 9.85 5.17 -1.88
C ALA B 202 10.58 6.01 -2.93
N SER B 203 11.44 6.90 -2.46
CA SER B 203 12.31 7.72 -3.30
C SER B 203 13.75 7.50 -2.84
N VAL B 204 14.59 7.06 -3.79
CA VAL B 204 16.00 6.78 -3.55
C VAL B 204 16.87 7.90 -4.13
N PHE B 205 17.73 8.48 -3.29
CA PHE B 205 18.64 9.55 -3.69
C PHE B 205 20.06 9.00 -3.71
N THR B 206 20.53 8.59 -4.90
CA THR B 206 21.89 8.02 -5.06
C THR B 206 22.94 9.09 -4.75
N ASN B 207 22.57 10.33 -5.06
CA ASN B 207 23.31 11.52 -4.65
C ASN B 207 22.44 12.75 -4.92
N LEU B 208 22.81 13.89 -4.34
CA LEU B 208 22.19 15.19 -4.66
C LEU B 208 23.24 16.25 -5.05
N SER B 209 24.50 15.83 -5.17
CA SER B 209 25.58 16.67 -5.64
C SER B 209 25.45 16.88 -7.14
N ASP B 218 24.56 30.42 -5.05
CA ASP B 218 23.96 29.62 -6.10
C ASP B 218 23.52 28.25 -5.59
N MET B 219 24.39 27.61 -4.79
CA MET B 219 24.07 26.35 -4.11
C MET B 219 22.81 26.50 -3.26
N GLU B 220 22.68 27.64 -2.56
CA GLU B 220 21.49 27.97 -1.77
C GLU B 220 20.21 27.96 -2.60
N HIS B 221 20.25 28.60 -3.77
CA HIS B 221 19.07 28.64 -4.66
C HIS B 221 18.76 27.26 -5.22
N TYR B 222 19.80 26.55 -5.66
CA TYR B 222 19.65 25.22 -6.22
C TYR B 222 18.93 24.31 -5.22
N GLU B 223 19.44 24.27 -3.99
CA GLU B 223 18.90 23.44 -2.93
C GLU B 223 17.47 23.82 -2.57
N ALA B 224 17.20 25.13 -2.50
CA ALA B 224 15.88 25.66 -2.17
C ALA B 224 14.87 25.22 -3.23
N ALA B 225 15.27 25.37 -4.49
CA ALA B 225 14.44 24.95 -5.62
C ALA B 225 14.11 23.46 -5.51
N LYS B 226 15.10 22.62 -5.23
CA LYS B 226 14.91 21.17 -5.10
C LYS B 226 14.07 20.78 -3.88
N TRP B 227 14.40 21.36 -2.73
CA TRP B 227 13.64 21.11 -1.51
C TRP B 227 12.16 21.46 -1.72
N LEU B 228 11.90 22.62 -2.33
CA LEU B 228 10.55 23.06 -2.70
C LEU B 228 9.86 22.01 -3.57
N LEU B 229 10.55 21.57 -4.64
CA LEU B 229 10.04 20.54 -5.55
C LEU B 229 9.65 19.26 -4.83
N TYR B 230 10.57 18.75 -4.00
CA TYR B 230 10.34 17.50 -3.26
C TYR B 230 9.19 17.62 -2.26
N SER B 231 9.05 18.79 -1.63
CA SER B 231 7.91 19.09 -0.75
C SER B 231 6.55 18.96 -1.46
N GLU B 232 6.55 19.15 -2.79
CA GLU B 232 5.34 19.08 -3.61
C GLU B 232 5.04 17.69 -4.17
N HIS B 233 5.92 16.72 -3.89
CA HIS B 233 5.76 15.36 -4.39
C HIS B 233 5.42 14.39 -3.25
N HIS B 234 4.74 13.30 -3.62
CA HIS B 234 4.50 12.18 -2.72
C HIS B 234 5.69 11.23 -2.85
N CYS B 235 6.73 11.50 -2.05
CA CYS B 235 8.00 10.78 -2.12
C CYS B 235 7.99 9.43 -1.42
N GLY B 236 7.08 9.26 -0.46
CA GLY B 236 7.00 8.06 0.35
C GLY B 236 8.22 7.96 1.24
N GLN B 237 8.74 6.74 1.41
CA GLN B 237 9.95 6.54 2.20
C GLN B 237 11.19 7.05 1.47
N ALA B 238 11.95 7.92 2.13
CA ALA B 238 13.17 8.50 1.58
C ALA B 238 14.35 7.62 1.98
N ILE B 239 15.11 7.18 0.97
CA ILE B 239 16.32 6.41 1.14
C ILE B 239 17.45 7.22 0.52
N ILE B 240 18.39 7.65 1.36
CA ILE B 240 19.40 8.62 0.97
C ILE B 240 20.81 8.10 1.18
N ASN B 241 21.64 8.26 0.15
CA ASN B 241 23.05 7.95 0.23
C ASN B 241 23.77 9.00 1.07
N ALA B 242 24.20 8.57 2.26
CA ALA B 242 24.90 9.43 3.22
C ALA B 242 26.39 9.65 2.89
N ASP B 243 26.88 8.99 1.83
CA ASP B 243 28.25 9.19 1.37
C ASP B 243 28.35 10.39 0.44
N ASP B 244 27.20 10.91 0.02
CA ASP B 244 27.07 12.17 -0.69
C ASP B 244 26.94 13.34 0.29
N GLU B 245 27.68 14.43 0.02
CA GLU B 245 27.73 15.61 0.87
C GLU B 245 26.34 16.23 1.04
N VAL B 246 25.61 16.38 -0.06
CA VAL B 246 24.28 16.97 -0.05
C VAL B 246 23.30 16.01 0.62
N GLY B 247 23.41 14.72 0.28
CA GLY B 247 22.71 13.64 0.95
C GLY B 247 22.71 13.73 2.47
N ARG B 248 23.90 13.92 3.07
CA ARG B 248 24.05 14.06 4.52
C ARG B 248 23.27 15.25 5.06
N ARG B 249 23.45 16.41 4.43
CA ARG B 249 22.80 17.64 4.89
C ARG B 249 21.29 17.49 4.88
N TRP B 250 20.78 16.80 3.84
CA TRP B 250 19.36 16.53 3.71
C TRP B 250 18.86 15.52 4.75
N LEU B 251 19.67 14.47 5.00
CA LEU B 251 19.39 13.48 6.04
C LEU B 251 19.24 14.13 7.42
N ALA B 252 20.03 15.17 7.68
CA ALA B 252 19.98 15.91 8.95
C ALA B 252 18.64 16.61 9.18
N LYS B 253 17.91 16.85 8.08
CA LYS B 253 16.60 17.50 8.10
C LYS B 253 15.42 16.53 7.96
N LEU B 254 15.72 15.23 7.77
CA LEU B 254 14.71 14.22 7.46
C LEU B 254 14.81 13.05 8.45
N PRO B 255 14.21 13.15 9.65
CA PRO B 255 14.39 12.12 10.67
C PRO B 255 13.79 10.75 10.30
N ASP B 256 12.84 10.71 9.36
CA ASP B 256 12.21 9.46 8.90
C ASP B 256 12.92 8.80 7.70
N ALA B 257 13.92 9.49 7.13
CA ALA B 257 14.66 8.97 5.98
C ALA B 257 15.66 7.92 6.44
N VAL B 258 15.96 6.97 5.56
CA VAL B 258 16.95 5.94 5.82
C VAL B 258 18.31 6.39 5.29
N ALA B 259 19.32 6.39 6.17
CA ALA B 259 20.69 6.75 5.83
C ALA B 259 21.43 5.48 5.41
N VAL B 260 22.10 5.55 4.26
CA VAL B 260 22.88 4.43 3.73
C VAL B 260 24.31 4.87 3.48
N SER B 261 25.27 4.05 3.91
CA SER B 261 26.69 4.37 3.79
C SER B 261 27.55 3.13 3.69
N MET B 262 28.67 3.27 2.97
CA MET B 262 29.77 2.32 2.99
C MET B 262 31.09 3.00 3.35
N GLU B 263 31.02 4.26 3.81
CA GLU B 263 32.20 5.06 4.15
C GLU B 263 32.07 5.73 5.52
N ASP B 264 31.33 5.09 6.43
CA ASP B 264 31.23 5.51 7.84
C ASP B 264 30.56 6.86 8.07
N HIS B 265 29.51 7.17 7.30
CA HIS B 265 28.76 8.42 7.44
C HIS B 265 27.41 8.30 8.15
N ILE B 266 27.10 7.13 8.71
CA ILE B 266 25.95 6.95 9.58
C ILE B 266 26.27 7.59 10.93
N ASN B 267 25.38 8.48 11.41
CA ASN B 267 25.43 9.00 12.77
C ASN B 267 24.36 8.33 13.62
N PRO B 268 24.70 7.29 14.41
CA PRO B 268 23.70 6.54 15.19
C PRO B 268 23.04 7.31 16.32
N ASN B 269 23.64 8.43 16.76
CA ASN B 269 23.03 9.31 17.77
C ASN B 269 21.63 9.79 17.40
N CYS B 270 21.35 9.88 16.09
CA CYS B 270 20.06 10.33 15.58
C CYS B 270 18.88 9.33 15.81
N HIS B 271 19.22 8.06 16.07
CA HIS B 271 18.25 6.97 16.30
C HIS B 271 17.28 6.76 15.11
N GLY B 272 17.74 7.14 13.91
CA GLY B 272 16.99 6.93 12.70
C GLY B 272 17.20 5.52 12.22
N ARG B 273 16.64 5.21 11.05
CA ARG B 273 16.88 3.96 10.37
C ARG B 273 18.11 4.12 9.49
N TRP B 274 18.91 3.06 9.44
CA TRP B 274 20.18 3.09 8.72
C TRP B 274 20.61 1.72 8.27
N LEU B 275 21.58 1.73 7.34
CA LEU B 275 22.20 0.55 6.78
C LEU B 275 23.60 0.99 6.35
N LYS B 276 24.61 0.25 6.82
CA LYS B 276 25.99 0.52 6.45
C LYS B 276 26.78 -0.75 6.23
N ALA B 277 27.64 -0.72 5.21
CA ALA B 277 28.63 -1.76 5.00
C ALA B 277 29.70 -1.57 6.05
N THR B 278 29.99 -2.62 6.81
CA THR B 278 31.03 -2.60 7.84
C THR B 278 32.36 -3.06 7.24
N GLU B 279 32.30 -4.03 6.33
CA GLU B 279 33.46 -4.62 5.69
C GLU B 279 33.07 -5.09 4.28
N VAL B 280 33.96 -4.89 3.30
CA VAL B 280 33.77 -5.41 1.96
C VAL B 280 35.02 -6.13 1.53
N ASN B 281 34.87 -7.35 1.00
CA ASN B 281 35.94 -8.08 0.36
C ASN B 281 35.66 -8.15 -1.14
N TYR B 282 36.43 -7.37 -1.91
CA TYR B 282 36.36 -7.37 -3.37
C TYR B 282 37.24 -8.51 -3.85
N HIS B 283 36.59 -9.56 -4.38
CA HIS B 283 37.28 -10.74 -4.89
C HIS B 283 37.03 -10.90 -6.39
N ASP B 284 37.53 -12.00 -6.97
CA ASP B 284 37.63 -12.16 -8.43
C ASP B 284 36.30 -12.31 -9.17
N SER B 285 35.22 -12.58 -8.44
CA SER B 285 33.90 -12.81 -9.04
C SER B 285 32.80 -11.89 -8.50
N GLY B 286 33.18 -10.93 -7.67
CA GLY B 286 32.24 -10.00 -7.06
C GLY B 286 32.72 -9.47 -5.72
N ALA B 287 31.77 -9.17 -4.83
CA ALA B 287 32.06 -8.61 -3.52
C ALA B 287 31.25 -9.29 -2.42
N THR B 288 31.93 -9.59 -1.32
CA THR B 288 31.29 -10.04 -0.09
C THR B 288 31.13 -8.83 0.81
N ILE B 289 29.86 -8.48 1.08
CA ILE B 289 29.50 -7.27 1.79
C ILE B 289 28.93 -7.65 3.14
N ARG B 290 29.66 -7.27 4.20
CA ARG B 290 29.17 -7.36 5.57
C ARG B 290 28.55 -6.03 5.93
N PHE B 291 27.34 -6.08 6.49
CA PHE B 291 26.59 -4.88 6.81
C PHE B 291 25.83 -5.02 8.11
N SER B 292 25.59 -3.87 8.75
N SER B 292 25.58 -3.88 8.76
CA SER B 292 24.68 -3.76 9.88
CA SER B 292 24.65 -3.80 9.87
C SER B 292 23.58 -2.79 9.50
C SER B 292 23.57 -2.81 9.49
N SER B 293 22.40 -2.96 10.13
CA SER B 293 21.25 -2.12 9.85
C SER B 293 20.28 -2.14 11.02
N SER B 294 19.38 -1.16 11.05
CA SER B 294 18.32 -1.10 12.04
C SER B 294 17.35 -2.28 11.92
N TRP B 295 17.41 -3.01 10.80
CA TRP B 295 16.63 -4.22 10.57
C TRP B 295 17.36 -5.52 10.95
N GLY B 296 18.64 -5.41 11.35
CA GLY B 296 19.49 -6.55 11.58
C GLY B 296 20.69 -6.58 10.64
N ASP B 297 21.66 -7.43 10.98
CA ASP B 297 22.92 -7.53 10.28
C ASP B 297 22.98 -8.78 9.42
N GLY B 298 23.92 -8.81 8.49
CA GLY B 298 24.07 -9.93 7.59
C GLY B 298 25.27 -9.86 6.69
N GLU B 299 25.27 -10.73 5.68
CA GLU B 299 26.35 -10.83 4.71
C GLU B 299 25.77 -11.20 3.36
N ILE B 300 26.07 -10.38 2.36
CA ILE B 300 25.61 -10.55 0.98
C ILE B 300 26.79 -10.92 0.09
N GLU B 301 26.56 -11.89 -0.80
CA GLU B 301 27.47 -12.25 -1.87
C GLU B 301 26.96 -11.60 -3.14
N SER B 302 27.57 -10.47 -3.51
CA SER B 302 27.19 -9.73 -4.70
C SER B 302 28.06 -10.20 -5.83
N HIS B 303 27.46 -10.37 -7.01
CA HIS B 303 28.17 -10.69 -8.24
C HIS B 303 28.36 -9.45 -9.12
N LEU B 304 28.28 -8.27 -8.51
CA LEU B 304 28.56 -6.99 -9.15
C LEU B 304 29.96 -6.51 -8.72
N MET B 305 30.57 -5.67 -9.57
CA MET B 305 31.95 -5.24 -9.41
C MET B 305 32.05 -3.76 -9.06
N GLY B 306 32.99 -3.47 -8.15
CA GLY B 306 33.39 -2.11 -7.79
C GLY B 306 32.66 -1.54 -6.60
N ALA B 307 33.20 -0.45 -6.06
CA ALA B 307 32.66 0.21 -4.88
C ALA B 307 31.29 0.85 -5.13
N PHE B 308 31.15 1.50 -6.29
CA PHE B 308 29.90 2.16 -6.67
C PHE B 308 28.72 1.18 -6.66
N ASN B 309 28.94 -0.05 -7.14
CA ASN B 309 27.91 -1.08 -7.19
C ASN B 309 27.60 -1.71 -5.82
N VAL B 310 28.54 -1.60 -4.86
CA VAL B 310 28.24 -1.92 -3.47
C VAL B 310 27.21 -0.89 -2.97
N SER B 311 27.51 0.39 -3.16
CA SER B 311 26.60 1.49 -2.77
C SER B 311 25.22 1.31 -3.39
N ASN B 312 25.17 1.07 -4.70
CA ASN B 312 23.92 0.87 -5.43
C ASN B 312 23.10 -0.29 -4.87
N LEU B 313 23.79 -1.40 -4.55
CA LEU B 313 23.15 -2.58 -3.97
C LEU B 313 22.59 -2.28 -2.58
N LEU B 314 23.39 -1.60 -1.75
CA LEU B 314 22.97 -1.21 -0.39
C LEU B 314 21.75 -0.29 -0.41
N LEU B 315 21.71 0.64 -1.38
CA LEU B 315 20.55 1.52 -1.52
C LEU B 315 19.29 0.73 -1.86
N ALA B 316 19.40 -0.24 -2.77
CA ALA B 316 18.28 -1.09 -3.12
C ALA B 316 17.82 -1.93 -1.91
N LEU B 317 18.79 -2.46 -1.16
CA LEU B 317 18.52 -3.25 0.04
C LEU B 317 17.76 -2.44 1.09
N ALA B 318 18.30 -1.25 1.41
CA ALA B 318 17.69 -0.33 2.37
C ALA B 318 16.27 0.04 1.97
N THR B 319 16.07 0.32 0.67
CA THR B 319 14.76 0.64 0.12
C THR B 319 13.76 -0.49 0.36
N LEU B 320 14.15 -1.71 -0.02
CA LEU B 320 13.28 -2.87 0.08
C LEU B 320 12.99 -3.21 1.54
N LEU B 321 13.99 -3.02 2.42
CA LEU B 321 13.80 -3.19 3.84
C LEU B 321 12.80 -2.18 4.40
N ALA B 322 12.91 -0.92 3.96
CA ALA B 322 12.01 0.15 4.39
C ALA B 322 10.59 -0.11 3.95
N LEU B 323 10.44 -0.76 2.79
CA LEU B 323 9.14 -1.14 2.27
C LEU B 323 8.57 -2.40 2.92
N GLY B 324 9.36 -3.06 3.78
CA GLY B 324 8.90 -4.17 4.60
C GLY B 324 9.18 -5.57 4.10
N TYR B 325 9.99 -5.70 3.03
CA TYR B 325 10.44 -7.00 2.57
C TYR B 325 11.39 -7.57 3.62
N PRO B 326 11.22 -8.85 4.03
CA PRO B 326 12.02 -9.40 5.14
C PRO B 326 13.50 -9.53 4.78
N LEU B 327 14.36 -9.14 5.74
CA LEU B 327 15.79 -9.23 5.59
C LEU B 327 16.23 -10.62 5.13
N ALA B 328 15.70 -11.68 5.77
CA ALA B 328 16.07 -13.06 5.46
C ALA B 328 15.84 -13.41 3.99
N ASP B 329 14.69 -13.00 3.45
CA ASP B 329 14.34 -13.26 2.05
C ASP B 329 15.21 -12.47 1.06
N LEU B 330 15.57 -11.24 1.44
CA LEU B 330 16.48 -10.40 0.66
C LEU B 330 17.87 -11.04 0.60
N LEU B 331 18.38 -11.50 1.74
CA LEU B 331 19.66 -12.22 1.82
C LEU B 331 19.69 -13.49 0.96
N LYS B 332 18.60 -14.27 0.98
CA LYS B 332 18.49 -15.54 0.26
C LYS B 332 18.51 -15.37 -1.26
N THR B 333 18.16 -14.17 -1.73
CA THR B 333 18.07 -13.89 -3.16
C THR B 333 19.16 -12.98 -3.72
N ALA B 334 19.98 -12.39 -2.84
CA ALA B 334 20.99 -11.39 -3.22
C ALA B 334 22.01 -11.92 -4.25
N ALA B 335 22.33 -13.21 -4.14
CA ALA B 335 23.32 -13.84 -5.01
C ALA B 335 22.84 -13.98 -6.46
N ARG B 336 21.53 -13.85 -6.67
CA ARG B 336 20.95 -13.95 -8.01
C ARG B 336 20.82 -12.61 -8.73
N LEU B 337 21.14 -11.52 -8.02
CA LEU B 337 21.23 -10.20 -8.62
C LEU B 337 22.34 -10.21 -9.67
N GLN B 338 22.02 -9.68 -10.86
CA GLN B 338 22.92 -9.66 -11.99
C GLN B 338 23.37 -8.23 -12.29
N PRO B 339 24.53 -8.04 -12.95
CA PRO B 339 24.91 -6.72 -13.44
C PRO B 339 23.98 -6.31 -14.56
N VAL B 340 23.81 -4.99 -14.76
CA VAL B 340 23.15 -4.49 -15.97
C VAL B 340 24.07 -4.88 -17.12
N CYS B 341 23.48 -5.42 -18.21
CA CYS B 341 24.23 -5.98 -19.34
C CYS B 341 25.27 -4.97 -19.85
N GLY B 342 26.52 -5.45 -19.99
CA GLY B 342 27.62 -4.62 -20.44
C GLY B 342 28.06 -3.53 -19.48
N ARG B 343 27.61 -3.61 -18.22
CA ARG B 343 28.07 -2.72 -17.15
C ARG B 343 28.83 -3.55 -16.12
N MET B 344 30.16 -3.46 -16.18
CA MET B 344 31.06 -4.18 -15.30
C MET B 344 30.57 -5.62 -15.14
N GLU B 345 30.31 -6.27 -16.28
CA GLU B 345 29.84 -7.64 -16.30
C GLU B 345 31.03 -8.57 -16.20
N VAL B 346 31.10 -9.34 -15.11
CA VAL B 346 32.24 -10.20 -14.83
C VAL B 346 32.04 -11.58 -15.43
N PHE B 347 33.12 -12.13 -15.99
CA PHE B 347 33.18 -13.48 -16.53
C PHE B 347 34.35 -14.18 -15.86
N THR B 348 34.06 -15.31 -15.20
CA THR B 348 35.06 -16.11 -14.50
C THR B 348 34.97 -17.53 -14.98
N ALA B 349 36.10 -18.24 -14.93
CA ALA B 349 36.12 -19.65 -15.23
C ALA B 349 37.25 -20.29 -14.42
N PRO B 350 37.15 -21.59 -14.09
CA PRO B 350 38.15 -22.28 -13.29
C PRO B 350 39.55 -22.09 -13.84
N GLY B 351 40.44 -21.51 -13.02
CA GLY B 351 41.84 -21.38 -13.33
C GLY B 351 42.16 -20.34 -14.39
N LYS B 352 41.18 -19.51 -14.76
CA LYS B 352 41.34 -18.50 -15.79
C LYS B 352 41.43 -17.11 -15.18
N PRO B 353 41.98 -16.11 -15.91
CA PRO B 353 41.88 -14.72 -15.46
C PRO B 353 40.42 -14.29 -15.38
N THR B 354 40.09 -13.39 -14.46
CA THR B 354 38.79 -12.75 -14.42
C THR B 354 38.72 -11.77 -15.59
N VAL B 355 37.61 -11.82 -16.35
CA VAL B 355 37.39 -10.88 -17.45
C VAL B 355 36.12 -10.08 -17.21
N VAL B 356 36.23 -8.75 -17.34
CA VAL B 356 35.11 -7.83 -17.15
C VAL B 356 34.84 -7.13 -18.48
N VAL B 357 33.59 -7.18 -18.92
CA VAL B 357 33.16 -6.48 -20.14
C VAL B 357 32.36 -5.26 -19.69
N ASP B 358 32.81 -4.08 -20.14
CA ASP B 358 32.15 -2.83 -19.79
C ASP B 358 32.08 -1.91 -21.01
N TYR B 359 31.00 -1.12 -21.07
CA TYR B 359 30.71 -0.28 -22.22
C TYR B 359 31.58 0.99 -22.27
N ALA B 360 32.30 1.29 -21.18
CA ALA B 360 33.10 2.51 -21.03
C ALA B 360 33.90 2.89 -22.29
N HIS B 361 33.54 4.05 -22.85
CA HIS B 361 34.12 4.54 -24.11
C HIS B 361 34.46 6.03 -24.05
N THR B 362 34.69 6.54 -22.84
CA THR B 362 35.15 7.91 -22.59
C THR B 362 36.21 7.89 -21.49
N PRO B 363 37.09 8.91 -21.38
CA PRO B 363 38.15 8.90 -20.37
C PRO B 363 37.65 8.71 -18.94
N ASP B 364 36.56 9.39 -18.57
N ASP B 364 36.56 9.39 -18.57
CA ASP B 364 36.00 9.30 -17.22
CA ASP B 364 35.97 9.31 -17.24
C ASP B 364 35.42 7.91 -16.92
C ASP B 364 35.41 7.93 -16.93
N ALA B 365 34.63 7.38 -17.87
CA ALA B 365 34.06 6.04 -17.75
C ALA B 365 35.16 4.97 -17.66
N LEU B 366 36.18 5.11 -18.50
CA LEU B 366 37.28 4.14 -18.54
C LEU B 366 38.04 4.14 -17.21
N GLU B 367 38.33 5.33 -16.69
CA GLU B 367 39.00 5.49 -15.41
C GLU B 367 38.23 4.82 -14.27
N LYS B 368 36.93 5.10 -14.17
CA LYS B 368 36.08 4.52 -13.15
C LYS B 368 36.03 3.00 -13.24
N ALA B 369 35.91 2.48 -14.47
CA ALA B 369 35.82 1.05 -14.72
C ALA B 369 37.11 0.31 -14.31
N LEU B 370 38.26 0.93 -14.58
CA LEU B 370 39.56 0.39 -14.19
C LEU B 370 39.78 0.43 -12.68
N GLN B 371 39.39 1.55 -12.06
CA GLN B 371 39.43 1.71 -10.59
C GLN B 371 38.55 0.66 -9.89
N ALA B 372 37.37 0.38 -10.48
CA ALA B 372 36.46 -0.64 -9.99
C ALA B 372 37.09 -2.03 -10.15
N ALA B 373 37.60 -2.32 -11.36
CA ALA B 373 38.26 -3.59 -11.66
C ALA B 373 39.48 -3.85 -10.76
N ARG B 374 40.26 -2.80 -10.49
CA ARG B 374 41.46 -2.88 -9.65
C ARG B 374 41.17 -3.51 -8.29
N LEU B 375 40.04 -3.14 -7.70
CA LEU B 375 39.64 -3.62 -6.37
C LEU B 375 39.55 -5.14 -6.30
N HIS B 376 39.13 -5.77 -7.41
CA HIS B 376 38.96 -7.21 -7.50
C HIS B 376 40.20 -7.94 -8.06
N CYS B 377 41.30 -7.19 -8.25
CA CYS B 377 42.47 -7.68 -8.96
C CYS B 377 43.66 -7.88 -8.04
N ALA B 378 43.98 -9.14 -7.76
CA ALA B 378 45.15 -9.49 -6.95
C ALA B 378 46.45 -9.35 -7.73
N GLY B 379 46.41 -9.66 -9.04
CA GLY B 379 47.58 -9.66 -9.90
C GLY B 379 47.70 -8.39 -10.71
N LYS B 380 47.81 -8.55 -12.04
CA LYS B 380 47.90 -7.44 -12.98
C LYS B 380 46.55 -7.13 -13.62
N LEU B 381 46.28 -5.83 -13.78
CA LEU B 381 45.09 -5.33 -14.46
C LEU B 381 45.40 -5.02 -15.93
N TRP B 382 44.74 -5.75 -16.84
CA TRP B 382 44.82 -5.53 -18.27
C TRP B 382 43.62 -4.71 -18.75
N CYS B 383 43.85 -3.82 -19.73
CA CYS B 383 42.80 -3.02 -20.35
C CYS B 383 42.87 -3.16 -21.86
N VAL B 384 41.87 -3.84 -22.44
CA VAL B 384 41.73 -3.96 -23.88
C VAL B 384 40.68 -2.95 -24.36
N PHE B 385 41.08 -2.04 -25.25
CA PHE B 385 40.21 -0.98 -25.74
C PHE B 385 40.70 -0.35 -27.04
N GLY B 386 39.78 0.34 -27.71
CA GLY B 386 40.07 1.24 -28.81
C GLY B 386 39.15 2.43 -28.76
N CYS B 387 39.18 3.24 -29.82
CA CYS B 387 38.31 4.39 -29.97
C CYS B 387 37.66 4.39 -31.34
N GLY B 388 36.45 4.97 -31.39
CA GLY B 388 35.65 5.01 -32.59
C GLY B 388 36.28 5.88 -33.63
N GLY B 389 36.16 5.46 -34.90
CA GLY B 389 36.65 6.21 -36.04
C GLY B 389 35.65 7.26 -36.49
N ASP B 390 36.15 8.24 -37.25
CA ASP B 390 35.39 9.33 -37.84
C ASP B 390 34.62 10.19 -36.85
N ARG B 391 35.02 10.19 -35.58
CA ARG B 391 34.38 11.01 -34.57
C ARG B 391 35.08 10.94 -33.24
N ASP B 392 34.74 11.89 -32.37
CA ASP B 392 35.22 11.98 -31.00
C ASP B 392 36.71 11.67 -30.87
N LYS B 393 37.55 12.48 -31.52
CA LYS B 393 38.99 12.22 -31.63
C LYS B 393 39.84 12.81 -30.51
N GLY B 394 39.30 13.82 -29.83
CA GLY B 394 39.95 14.44 -28.69
C GLY B 394 40.20 13.51 -27.51
N LYS B 395 39.27 12.57 -27.29
CA LYS B 395 39.33 11.63 -26.19
C LYS B 395 40.43 10.58 -26.33
N ARG B 396 40.95 10.41 -27.55
CA ARG B 396 41.87 9.33 -27.89
C ARG B 396 43.13 9.32 -27.02
N PRO B 397 43.94 10.40 -26.99
CA PRO B 397 45.14 10.42 -26.15
C PRO B 397 44.83 10.39 -24.64
N LEU B 398 43.66 10.93 -24.26
CA LEU B 398 43.22 10.96 -22.86
C LEU B 398 42.90 9.55 -22.37
N MET B 399 42.22 8.76 -23.20
CA MET B 399 41.96 7.36 -22.93
C MET B 399 43.23 6.50 -22.94
N GLY B 400 44.18 6.86 -23.81
CA GLY B 400 45.49 6.27 -23.80
C GLY B 400 46.21 6.48 -22.48
N ALA B 401 46.22 7.73 -22.02
CA ALA B 401 46.82 8.12 -20.73
C ALA B 401 46.16 7.40 -19.55
N ILE B 402 44.83 7.31 -19.58
CA ILE B 402 44.05 6.64 -18.53
C ILE B 402 44.38 5.15 -18.44
N ALA B 403 44.38 4.47 -19.60
CA ALA B 403 44.71 3.05 -19.67
C ALA B 403 46.10 2.78 -19.11
N GLU B 404 47.05 3.67 -19.42
CA GLU B 404 48.42 3.57 -18.95
C GLU B 404 48.52 3.73 -17.42
N GLU B 405 47.84 4.75 -16.89
CA GLU B 405 47.91 5.09 -15.47
C GLU B 405 47.20 4.08 -14.56
N PHE B 406 45.97 3.70 -14.93
CA PHE B 406 45.09 2.91 -14.07
C PHE B 406 45.07 1.40 -14.36
N ALA B 407 45.74 0.99 -15.45
CA ALA B 407 46.00 -0.42 -15.73
C ALA B 407 47.49 -0.70 -15.68
N ASP B 408 47.84 -2.00 -15.61
CA ASP B 408 49.21 -2.47 -15.65
C ASP B 408 49.65 -2.74 -17.09
N VAL B 409 48.73 -3.30 -17.89
CA VAL B 409 48.97 -3.56 -19.30
C VAL B 409 47.83 -2.97 -20.12
N ALA B 410 48.18 -2.08 -21.06
CA ALA B 410 47.24 -1.53 -22.03
C ALA B 410 47.36 -2.33 -23.32
N VAL B 411 46.24 -2.89 -23.76
CA VAL B 411 46.15 -3.54 -25.05
C VAL B 411 45.27 -2.68 -25.98
N VAL B 412 45.91 -1.88 -26.83
CA VAL B 412 45.20 -0.96 -27.71
C VAL B 412 44.82 -1.66 -29.01
N THR B 413 43.53 -1.60 -29.35
CA THR B 413 42.99 -2.32 -30.49
C THR B 413 41.93 -1.47 -31.18
N ASP B 414 41.12 -2.08 -32.04
CA ASP B 414 40.06 -1.41 -32.79
C ASP B 414 38.71 -1.44 -32.06
N ASP B 415 37.89 -0.44 -32.35
CA ASP B 415 36.53 -0.28 -31.84
C ASP B 415 35.75 0.63 -32.80
N ASN B 416 35.02 0.02 -33.73
CA ASN B 416 34.23 0.77 -34.72
C ASN B 416 35.07 1.79 -35.46
N PRO B 417 36.10 1.35 -36.24
CA PRO B 417 36.95 2.28 -36.98
C PRO B 417 36.25 3.04 -38.12
N ARG B 418 35.08 2.56 -38.55
CA ARG B 418 34.30 3.20 -39.63
C ARG B 418 35.17 3.31 -40.89
N THR B 419 35.26 4.51 -41.48
CA THR B 419 36.04 4.71 -42.71
C THR B 419 37.50 5.09 -42.44
N GLU B 420 37.82 5.42 -41.18
CA GLU B 420 39.16 5.84 -40.80
C GLU B 420 40.12 4.65 -40.71
N GLU B 421 41.38 4.90 -41.07
CA GLU B 421 42.42 3.89 -41.04
C GLU B 421 42.60 3.42 -39.60
N PRO B 422 42.33 2.13 -39.29
CA PRO B 422 42.40 1.64 -37.92
C PRO B 422 43.67 2.03 -37.17
N ARG B 423 44.82 1.87 -37.81
CA ARG B 423 46.12 2.18 -37.21
C ARG B 423 46.29 3.66 -36.83
N ALA B 424 45.69 4.57 -37.61
CA ALA B 424 45.77 5.99 -37.33
C ALA B 424 45.10 6.32 -35.99
N ILE B 425 43.96 5.68 -35.73
CA ILE B 425 43.24 5.84 -34.47
C ILE B 425 44.12 5.39 -33.31
N ILE B 426 44.71 4.20 -33.47
CA ILE B 426 45.62 3.62 -32.48
C ILE B 426 46.80 4.56 -32.18
N ASN B 427 47.36 5.19 -33.21
CA ASN B 427 48.43 6.17 -33.04
C ASN B 427 48.00 7.38 -32.21
N ASP B 428 46.80 7.89 -32.46
CA ASP B 428 46.24 8.98 -31.66
C ASP B 428 46.08 8.59 -30.18
N ILE B 429 45.71 7.32 -29.93
CA ILE B 429 45.61 6.80 -28.56
C ILE B 429 46.99 6.76 -27.92
N LEU B 430 47.96 6.14 -28.62
CA LEU B 430 49.34 5.99 -28.14
C LEU B 430 50.03 7.34 -27.88
N ALA B 431 49.64 8.37 -28.62
CA ALA B 431 50.17 9.74 -28.47
C ALA B 431 50.03 10.29 -27.05
N GLY B 432 48.97 9.86 -26.35
CA GLY B 432 48.67 10.32 -25.00
C GLY B 432 49.47 9.64 -23.90
N MET B 433 50.20 8.58 -24.24
CA MET B 433 50.94 7.77 -23.28
C MET B 433 52.36 8.28 -23.07
N LEU B 434 52.89 8.07 -21.86
CA LEU B 434 54.26 8.38 -21.50
C LEU B 434 55.22 7.31 -22.00
N ASP B 435 54.78 6.04 -21.94
CA ASP B 435 55.57 4.91 -22.39
C ASP B 435 54.73 4.01 -23.30
N ALA B 436 54.43 4.52 -24.49
CA ALA B 436 53.66 3.81 -25.50
C ALA B 436 54.32 2.49 -25.86
N GLY B 437 55.64 2.42 -25.75
CA GLY B 437 56.40 1.20 -25.95
C GLY B 437 55.96 0.04 -25.06
N HIS B 438 55.51 0.38 -23.84
CA HIS B 438 54.98 -0.58 -22.87
C HIS B 438 53.60 -1.15 -23.27
N ALA B 439 52.87 -0.41 -24.10
CA ALA B 439 51.56 -0.83 -24.57
C ALA B 439 51.67 -1.94 -25.60
N LYS B 440 50.67 -2.83 -25.61
CA LYS B 440 50.53 -3.85 -26.64
C LYS B 440 49.54 -3.32 -27.63
N VAL B 441 49.87 -3.41 -28.92
CA VAL B 441 48.99 -3.00 -29.98
C VAL B 441 48.64 -4.24 -30.78
N MET B 442 47.34 -4.50 -30.95
CA MET B 442 46.89 -5.58 -31.79
C MET B 442 45.59 -5.25 -32.47
N GLU B 443 45.60 -5.38 -33.80
CA GLU B 443 44.42 -5.15 -34.61
C GLU B 443 43.78 -6.47 -34.97
N GLY B 444 42.45 -6.38 -35.20
CA GLY B 444 41.54 -7.46 -34.99
C GLY B 444 41.26 -7.34 -33.50
N ARG B 445 40.04 -6.89 -33.16
CA ARG B 445 39.65 -6.72 -31.77
C ARG B 445 39.59 -8.07 -31.06
N ALA B 446 39.03 -9.07 -31.73
CA ALA B 446 38.94 -10.44 -31.20
C ALA B 446 40.33 -10.98 -30.86
N GLU B 447 41.29 -10.74 -31.75
CA GLU B 447 42.68 -11.16 -31.57
C GLU B 447 43.30 -10.46 -30.34
N ALA B 448 43.00 -9.17 -30.18
CA ALA B 448 43.49 -8.39 -29.04
C ALA B 448 42.92 -8.89 -27.72
N VAL B 449 41.62 -9.18 -27.72
CA VAL B 449 40.96 -9.75 -26.54
C VAL B 449 41.60 -11.11 -26.20
N THR B 450 41.77 -11.94 -27.23
CA THR B 450 42.41 -13.25 -27.08
C THR B 450 43.82 -13.13 -26.51
N CYS B 451 44.57 -12.14 -26.99
CA CYS B 451 45.92 -11.86 -26.52
C CYS B 451 45.97 -11.60 -25.01
N ALA B 452 45.11 -10.70 -24.54
CA ALA B 452 45.02 -10.36 -23.12
C ALA B 452 44.63 -11.57 -22.29
N VAL B 453 43.56 -12.25 -22.70
CA VAL B 453 42.96 -13.35 -21.94
C VAL B 453 43.91 -14.56 -21.84
N MET B 454 44.58 -14.88 -22.96
CA MET B 454 45.46 -16.04 -23.04
C MET B 454 46.81 -15.80 -22.34
N GLN B 455 47.27 -14.54 -22.29
CA GLN B 455 48.54 -14.20 -21.64
C GLN B 455 48.40 -13.89 -20.15
N ALA B 456 47.22 -13.38 -19.75
CA ALA B 456 46.98 -12.96 -18.38
C ALA B 456 47.01 -14.17 -17.43
N LYS B 457 47.54 -13.93 -16.22
CA LYS B 457 47.60 -14.96 -15.16
C LYS B 457 46.24 -15.18 -14.51
N GLU B 458 46.15 -16.27 -13.73
CA GLU B 458 44.92 -16.71 -13.11
C GLU B 458 44.32 -15.67 -12.17
N ASN B 459 45.18 -14.89 -11.51
CA ASN B 459 44.74 -13.85 -10.57
C ASN B 459 44.84 -12.43 -11.15
N ASP B 460 44.91 -12.34 -12.49
CA ASP B 460 44.83 -11.07 -13.20
C ASP B 460 43.37 -10.78 -13.49
N VAL B 461 43.10 -9.54 -13.87
CA VAL B 461 41.79 -9.13 -14.34
C VAL B 461 42.00 -8.45 -15.68
N VAL B 462 41.21 -8.86 -16.68
CA VAL B 462 41.19 -8.22 -17.99
C VAL B 462 39.89 -7.44 -18.17
N LEU B 463 39.99 -6.11 -18.25
CA LEU B 463 38.86 -5.25 -18.59
C LEU B 463 38.83 -5.11 -20.10
N VAL B 464 37.70 -5.49 -20.71
CA VAL B 464 37.45 -5.30 -22.15
C VAL B 464 36.41 -4.19 -22.25
N ALA B 465 36.88 -2.99 -22.64
CA ALA B 465 36.11 -1.76 -22.60
C ALA B 465 35.71 -1.28 -23.98
N GLY B 466 34.52 -0.67 -24.08
CA GLY B 466 34.12 0.13 -25.22
C GLY B 466 32.79 -0.20 -25.84
N LYS B 467 32.36 -1.46 -25.72
CA LYS B 467 31.18 -1.96 -26.42
C LYS B 467 30.08 -2.43 -25.48
N GLY B 468 30.50 -3.13 -24.41
CA GLY B 468 29.59 -3.78 -23.49
C GLY B 468 28.70 -4.75 -24.24
N HIS B 469 27.42 -4.38 -24.35
CA HIS B 469 26.37 -5.15 -24.99
C HIS B 469 26.26 -4.90 -26.50
N GLU B 470 26.88 -3.82 -26.99
CA GLU B 470 26.79 -3.39 -28.40
C GLU B 470 27.53 -4.35 -29.33
N ASP B 471 26.83 -5.40 -29.77
CA ASP B 471 27.44 -6.53 -30.46
C ASP B 471 27.55 -6.36 -31.99
N TYR B 472 28.41 -5.43 -32.39
CA TYR B 472 28.80 -5.20 -33.78
C TYR B 472 30.16 -4.48 -33.81
N GLN B 473 30.83 -4.57 -34.96
CA GLN B 473 32.01 -3.77 -35.30
C GLN B 473 31.68 -3.02 -36.59
N ILE B 474 31.64 -1.69 -36.51
CA ILE B 474 31.40 -0.83 -37.66
C ILE B 474 32.73 -0.67 -38.42
N VAL B 475 32.86 -1.39 -39.54
CA VAL B 475 34.01 -1.30 -40.45
C VAL B 475 33.50 -0.80 -41.79
N GLY B 476 34.00 0.37 -42.21
CA GLY B 476 33.45 1.10 -43.33
C GLY B 476 32.07 1.62 -42.96
N ASN B 477 31.04 1.16 -43.69
CA ASN B 477 29.64 1.47 -43.39
C ASN B 477 28.88 0.29 -42.75
N GLN B 478 29.58 -0.85 -42.60
CA GLN B 478 28.98 -2.15 -42.26
C GLN B 478 29.05 -2.49 -40.78
N ARG B 479 27.90 -2.87 -40.22
CA ARG B 479 27.82 -3.54 -38.92
C ARG B 479 28.13 -5.03 -39.12
N LEU B 480 29.42 -5.38 -39.03
CA LEU B 480 29.85 -6.77 -39.03
C LEU B 480 29.54 -7.38 -37.67
N ASP B 481 29.10 -8.64 -37.66
CA ASP B 481 28.75 -9.35 -36.42
C ASP B 481 29.98 -9.60 -35.58
N TYR B 482 29.97 -9.07 -34.36
CA TYR B 482 31.02 -9.31 -33.39
C TYR B 482 30.48 -9.01 -31.99
N SER B 483 30.92 -9.78 -31.00
CA SER B 483 30.55 -9.57 -29.60
C SER B 483 31.72 -9.83 -28.65
N ASP B 484 32.06 -8.82 -27.84
CA ASP B 484 33.03 -8.96 -26.77
C ASP B 484 32.61 -10.10 -25.84
N ARG B 485 31.35 -10.08 -25.42
CA ARG B 485 30.81 -11.05 -24.47
C ARG B 485 30.97 -12.48 -24.98
N VAL B 486 30.63 -12.69 -26.26
CA VAL B 486 30.74 -13.99 -26.90
C VAL B 486 32.21 -14.42 -27.05
N THR B 487 33.08 -13.46 -27.43
CA THR B 487 34.49 -13.75 -27.61
C THR B 487 35.10 -14.19 -26.25
N VAL B 488 34.81 -13.40 -25.21
CA VAL B 488 35.30 -13.66 -23.87
C VAL B 488 34.81 -15.01 -23.33
N ALA B 489 33.50 -15.25 -23.49
CA ALA B 489 32.86 -16.48 -23.03
C ALA B 489 33.49 -17.71 -23.67
N ARG B 490 33.73 -17.64 -24.98
CA ARG B 490 34.36 -18.71 -25.73
C ARG B 490 35.77 -19.01 -25.24
N LEU B 491 36.54 -17.95 -24.96
CA LEU B 491 37.92 -18.08 -24.51
C LEU B 491 38.00 -18.70 -23.13
N LEU B 492 37.05 -18.33 -22.26
CA LEU B 492 37.01 -18.83 -20.90
C LEU B 492 36.37 -20.20 -20.74
N GLY B 493 35.68 -20.67 -21.79
CA GLY B 493 34.96 -21.93 -21.78
C GLY B 493 33.61 -21.87 -21.06
N VAL B 494 33.00 -20.69 -21.08
CA VAL B 494 31.71 -20.43 -20.43
C VAL B 494 30.68 -19.95 -21.44
N ILE B 495 29.46 -19.71 -20.98
CA ILE B 495 28.34 -19.25 -21.81
C ILE B 495 28.10 -17.76 -21.52
N ALA B 496 28.10 -16.96 -22.58
CA ALA B 496 27.81 -15.52 -22.51
C ALA B 496 26.35 -15.35 -22.14
#